data_3OIX
#
_entry.id   3OIX
#
_cell.length_a   103.126
_cell.length_b   158.276
_cell.length_c   193.351
_cell.angle_alpha   90.00
_cell.angle_beta   90.00
_cell.angle_gamma   90.00
#
_symmetry.space_group_name_H-M   'C 2 2 21'
#
loop_
_entity.id
_entity.type
_entity.pdbx_description
1 polymer 'Putative dihydroorotate dehydrogenase; dihydroorotate oxidase'
2 non-polymer 'FLAVIN MONONUCLEOTIDE'
3 non-polymer GLYCEROL
4 water water
#
_entity_poly.entity_id   1
_entity_poly.type   'polypeptide(L)'
_entity_poly.pdbx_seq_one_letter_code
;MGSSHHHHHHSSGLVPRGSHMASMTGGQQMGRGSMVSTHTTIGSFDFDNCLMNAAGVYCMTREELAAIDHSEAGSFVT
(MLY)TGTLEERAGNPQPRYADTKLGSINSMGLPNLGINYYLDYVTELQKQPDSKNHFLSLVGMSPEETHTIL(MLY)MV
EASKYQGLVELNLSCPNVPG(MLY)PQIAYDFETTDQILSEVFTYFTKPLGIKLPPYFDIVHFDQAAAIFN(MLY)YPLT
FVNCINSIGNGLVIEDETVVI(MLY)PKNGFGGIGGDYVKPTALANVHAFYKRLNPSIQIIGTGGV(MLY)TGRDAFEHI
LCGASMVQIGTALHQEGPQIFKRITKEL(MLY)AIMTEKGYETLEDFRGKLNAMA
;
_entity_poly.pdbx_strand_id   A,B,C,D
#
# COMPACT_ATOMS: atom_id res chain seq x y z
N VAL A 36 29.60 14.65 38.52
CA VAL A 36 28.23 14.42 38.08
C VAL A 36 27.26 15.48 38.60
N SER A 37 26.67 16.23 37.69
CA SER A 37 25.87 17.39 38.05
C SER A 37 24.48 17.40 37.40
N THR A 38 23.47 17.73 38.20
CA THR A 38 22.12 17.85 37.67
C THR A 38 21.70 19.31 37.58
N HIS A 39 22.68 20.22 37.59
CA HIS A 39 22.44 21.62 37.31
CA HIS A 39 22.41 21.62 37.33
C HIS A 39 21.75 21.76 35.97
N THR A 40 21.01 22.84 35.78
CA THR A 40 20.34 23.05 34.51
C THR A 40 19.99 24.51 34.34
N THR A 41 19.47 24.85 33.16
CA THR A 41 19.05 26.22 32.92
C THR A 41 17.70 26.25 32.17
N ILE A 42 16.94 27.31 32.40
CA ILE A 42 15.77 27.61 31.61
C ILE A 42 15.86 29.08 31.27
N GLY A 43 15.92 29.41 29.99
CA GLY A 43 16.19 30.77 29.57
C GLY A 43 17.53 31.19 30.15
N SER A 44 17.59 32.37 30.78
CA SER A 44 18.84 32.86 31.31
C SER A 44 18.98 32.53 32.80
N PHE A 45 18.15 31.61 33.30
CA PHE A 45 18.13 31.29 34.72
C PHE A 45 18.79 29.96 35.04
N ASP A 46 19.59 29.93 36.10
CA ASP A 46 20.25 28.69 36.55
C ASP A 46 19.49 28.00 37.67
N PHE A 47 19.66 26.69 37.75
CA PHE A 47 19.09 25.89 38.84
C PHE A 47 20.10 24.86 39.30
N ASP A 48 20.21 24.68 40.62
CA ASP A 48 21.14 23.74 41.21
C ASP A 48 20.76 22.32 40.88
N ASN A 49 19.51 22.14 40.49
CA ASN A 49 18.98 20.80 40.25
C ASN A 49 17.91 20.87 39.16
N CYS A 50 17.58 19.73 38.56
CA CYS A 50 16.65 19.70 37.44
C CYS A 50 15.35 18.98 37.77
N LEU A 51 15.00 18.95 39.05
CA LEU A 51 13.73 18.40 39.51
C LEU A 51 13.03 19.44 40.34
N MET A 52 11.70 19.50 40.23
CA MET A 52 10.91 20.47 40.99
C MET A 52 9.46 20.02 41.06
N ASN A 53 8.65 20.77 41.81
CA ASN A 53 7.23 20.47 41.88
C ASN A 53 6.51 20.79 40.56
N ALA A 54 5.43 20.07 40.29
CA ALA A 54 4.54 20.48 39.22
C ALA A 54 3.48 21.45 39.79
N ALA A 55 3.10 22.45 39.00
CA ALA A 55 2.12 23.44 39.42
C ALA A 55 0.89 22.74 40.02
N GLY A 56 0.41 23.29 41.12
CA GLY A 56 -0.79 22.75 41.77
C GLY A 56 -0.47 21.82 42.91
N VAL A 57 0.74 21.27 42.93
CA VAL A 57 1.10 20.31 43.97
C VAL A 57 2.12 20.91 44.96
N TYR A 58 1.79 20.83 46.24
CA TYR A 58 2.67 21.30 47.31
C TYR A 58 3.11 22.74 47.13
N CYS A 59 2.16 23.63 46.84
CA CYS A 59 2.53 25.00 46.55
C CYS A 59 1.43 25.98 46.84
N MET A 60 0.47 25.56 47.66
CA MET A 60 -0.62 26.44 48.06
C MET A 60 -0.15 27.65 48.86
N THR A 61 0.78 27.45 49.79
CA THR A 61 1.14 28.52 50.73
C THR A 61 2.64 28.87 50.73
N ARG A 62 2.96 30.01 51.33
CA ARG A 62 4.34 30.39 51.55
C ARG A 62 5.12 29.31 52.28
N GLU A 63 4.46 28.61 53.20
CA GLU A 63 5.14 27.56 53.97
C GLU A 63 5.52 26.37 53.11
N GLU A 64 4.56 25.90 52.33
CA GLU A 64 4.83 24.76 51.47
C GLU A 64 5.93 25.11 50.47
N LEU A 65 5.85 26.33 49.91
CA LEU A 65 6.82 26.77 48.93
C LEU A 65 8.21 26.76 49.55
N ALA A 66 8.30 27.27 50.78
CA ALA A 66 9.58 27.31 51.49
C ALA A 66 10.10 25.90 51.71
N ALA A 67 9.21 24.97 52.02
CA ALA A 67 9.63 23.58 52.15
C ALA A 67 10.22 23.04 50.84
N ILE A 68 9.64 23.41 49.71
CA ILE A 68 10.21 23.02 48.43
C ILE A 68 11.59 23.66 48.25
N ASP A 69 11.67 24.94 48.58
CA ASP A 69 12.89 25.72 48.43
C ASP A 69 14.05 25.18 49.26
N HIS A 70 13.72 24.52 50.37
CA HIS A 70 14.72 23.99 51.28
C HIS A 70 14.90 22.51 51.07
N SER A 71 14.17 21.93 50.11
CA SER A 71 14.41 20.54 49.71
C SER A 71 15.51 20.47 48.65
N GLU A 72 15.74 19.30 48.10
CA GLU A 72 16.75 19.16 47.05
C GLU A 72 16.22 19.60 45.67
N ALA A 73 14.95 19.94 45.62
CA ALA A 73 14.36 20.49 44.39
C ALA A 73 15.15 21.71 43.92
N GLY A 74 15.28 21.84 42.60
CA GLY A 74 16.05 22.93 42.02
C GLY A 74 15.28 24.23 41.91
N SER A 75 13.98 24.18 42.18
CA SER A 75 13.13 25.35 42.01
C SER A 75 11.76 25.00 42.55
N PHE A 76 10.83 25.96 42.54
CA PHE A 76 9.43 25.63 42.70
C PHE A 76 8.59 26.45 41.72
N VAL A 77 7.39 25.96 41.46
CA VAL A 77 6.39 26.77 40.76
C VAL A 77 5.20 26.95 41.70
N THR A 78 4.69 28.17 41.75
CA THR A 78 3.59 28.49 42.64
C THR A 78 2.31 27.79 42.22
N THR A 80 -1.19 27.65 40.79
CA THR A 80 -1.71 28.49 39.72
C THR A 80 -2.61 29.59 40.28
N GLY A 81 -2.19 30.84 40.13
CA GLY A 81 -2.87 31.94 40.76
C GLY A 81 -3.87 32.62 39.85
N THR A 82 -5.05 32.92 40.37
CA THR A 82 -6.01 33.70 39.62
C THR A 82 -6.04 35.12 40.17
N LEU A 83 -6.70 36.02 39.46
CA LEU A 83 -6.77 37.41 39.88
C LEU A 83 -7.21 37.56 41.35
N GLU A 84 -8.22 36.79 41.75
CA GLU A 84 -8.73 36.83 43.11
C GLU A 84 -8.68 35.45 43.66
N GLU A 85 -8.66 35.31 44.97
CA GLU A 85 -8.49 33.98 45.53
C GLU A 85 -9.71 33.11 45.27
N ARG A 86 -9.50 31.80 45.22
CA ARG A 86 -10.55 30.88 44.89
C ARG A 86 -10.51 29.77 45.86
N ALA A 87 -11.69 29.25 46.23
CA ALA A 87 -11.79 28.14 47.15
C ALA A 87 -11.60 26.84 46.40
N GLY A 88 -11.90 26.86 45.11
CA GLY A 88 -11.84 25.64 44.33
C GLY A 88 -13.09 24.80 44.47
N ASN A 89 -13.01 23.56 43.99
CA ASN A 89 -14.16 22.69 43.92
C ASN A 89 -14.45 21.98 45.25
N PRO A 90 -15.67 21.44 45.40
CA PRO A 90 -16.05 20.69 46.60
C PRO A 90 -15.17 19.45 46.82
N GLN A 91 -15.00 19.07 48.07
CA GLN A 91 -14.22 17.88 48.45
C GLN A 91 -15.05 16.60 48.48
N PRO A 92 -14.38 15.45 48.31
CA PRO A 92 -12.96 15.36 47.98
C PRO A 92 -12.73 15.59 46.49
N ARG A 93 -11.65 16.30 46.18
CA ARG A 93 -11.38 16.72 44.81
C ARG A 93 -10.10 16.06 44.29
N TYR A 94 -9.59 15.11 45.05
CA TYR A 94 -8.36 14.43 44.75
C TYR A 94 -8.38 13.01 45.32
N ALA A 95 -7.96 12.03 44.53
CA ALA A 95 -7.84 10.68 45.03
C ALA A 95 -6.62 10.01 44.44
N ASP A 96 -5.97 9.15 45.22
CA ASP A 96 -4.83 8.39 44.73
C ASP A 96 -5.29 7.03 44.24
N THR A 97 -4.42 6.39 43.46
CA THR A 97 -4.71 5.09 42.89
C THR A 97 -3.40 4.30 42.98
N LYS A 98 -3.44 2.99 42.74
CA LYS A 98 -2.19 2.22 42.73
C LYS A 98 -1.28 2.77 41.63
N LEU A 99 -1.89 3.35 40.61
CA LEU A 99 -1.16 3.77 39.43
C LEU A 99 -0.90 5.27 39.33
N GLY A 100 -1.74 6.07 39.97
CA GLY A 100 -1.58 7.51 39.86
C GLY A 100 -2.56 8.31 40.66
N SER A 101 -3.09 9.37 40.07
CA SER A 101 -4.03 10.21 40.78
C SER A 101 -5.06 10.80 39.83
N ILE A 102 -6.17 11.24 40.41
CA ILE A 102 -7.20 11.90 39.65
C ILE A 102 -7.60 13.10 40.48
N ASN A 103 -7.78 14.24 39.85
CA ASN A 103 -8.18 15.41 40.62
C ASN A 103 -9.04 16.34 39.82
N SER A 104 -9.83 17.14 40.53
CA SER A 104 -10.53 18.26 39.93
C SER A 104 -10.55 19.38 40.96
N MET A 105 -9.43 20.08 41.07
CA MET A 105 -9.26 21.06 42.14
C MET A 105 -10.11 22.30 41.92
N GLY A 106 -10.21 22.75 40.67
CA GLY A 106 -10.94 23.98 40.38
C GLY A 106 -10.13 25.23 40.67
N LEU A 107 -8.82 25.11 40.55
CA LEU A 107 -7.93 26.26 40.67
C LEU A 107 -8.08 26.98 42.02
N PRO A 108 -8.04 26.22 43.12
CA PRO A 108 -8.02 26.88 44.42
C PRO A 108 -6.65 27.55 44.57
N ASN A 109 -6.62 28.78 45.06
CA ASN A 109 -5.36 29.46 45.29
C ASN A 109 -5.61 30.71 46.09
N LEU A 110 -4.55 31.27 46.68
CA LEU A 110 -4.66 32.42 47.56
C LEU A 110 -4.66 33.73 46.77
N GLY A 111 -4.78 33.65 45.45
CA GLY A 111 -4.82 34.82 44.61
C GLY A 111 -3.44 35.20 44.12
N ILE A 112 -3.38 35.79 42.93
CA ILE A 112 -2.10 36.04 42.28
C ILE A 112 -1.19 36.93 43.12
N ASN A 113 -1.76 37.98 43.69
CA ASN A 113 -0.99 38.90 44.52
C ASN A 113 -0.17 38.24 45.61
N TYR A 114 -0.77 37.22 46.22
CA TYR A 114 -0.09 36.44 47.25
C TYR A 114 1.20 35.80 46.70
N TYR A 115 1.10 35.08 45.59
CA TYR A 115 2.26 34.41 45.02
C TYR A 115 3.23 35.39 44.38
N LEU A 116 2.68 36.42 43.75
CA LEU A 116 3.51 37.44 43.13
C LEU A 116 4.40 38.11 44.17
N ASP A 117 3.79 38.58 45.24
CA ASP A 117 4.53 39.25 46.31
C ASP A 117 5.58 38.32 46.87
N TYR A 118 5.20 37.07 47.10
CA TYR A 118 6.14 36.09 47.65
C TYR A 118 7.37 35.87 46.77
N VAL A 119 7.19 35.65 45.47
CA VAL A 119 8.34 35.38 44.62
C VAL A 119 9.14 36.63 44.30
N THR A 120 8.47 37.79 44.30
CA THR A 120 9.18 39.05 44.18
C THR A 120 10.11 39.22 45.39
N GLU A 121 9.57 38.93 46.57
CA GLU A 121 10.29 39.15 47.81
C GLU A 121 11.48 38.19 47.97
N LEU A 122 11.34 36.98 47.43
CA LEU A 122 12.45 36.02 47.46
C LEU A 122 13.62 36.40 46.55
N GLN A 123 13.35 37.20 45.52
CA GLN A 123 14.43 37.67 44.62
C GLN A 123 15.50 38.40 45.40
N LYS A 124 15.08 39.21 46.37
CA LYS A 124 15.98 40.05 47.14
C LYS A 124 16.98 39.23 47.99
N GLN A 125 16.49 38.18 48.66
CA GLN A 125 17.29 37.32 49.55
C GLN A 125 18.52 36.69 48.91
N PRO A 126 19.57 36.46 49.71
CA PRO A 126 20.78 35.75 49.28
C PRO A 126 20.54 34.25 49.21
N ASP A 127 21.25 33.58 48.30
CA ASP A 127 21.07 32.16 48.15
C ASP A 127 19.64 31.88 47.71
N SER A 128 19.07 32.79 46.92
CA SER A 128 17.73 32.61 46.42
C SER A 128 17.70 31.80 45.12
N LYS A 129 16.94 30.72 45.12
CA LYS A 129 16.72 29.95 43.91
C LYS A 129 15.77 30.68 42.97
N ASN A 130 15.90 30.44 41.68
CA ASN A 130 14.94 30.97 40.73
C ASN A 130 13.63 30.18 40.77
N HIS A 131 12.51 30.88 40.60
CA HIS A 131 11.20 30.23 40.70
C HIS A 131 10.31 30.46 39.50
N PHE A 132 9.18 29.76 39.49
CA PHE A 132 8.17 29.89 38.46
C PHE A 132 6.86 30.37 39.08
N LEU A 133 6.30 31.44 38.50
CA LEU A 133 5.03 31.95 38.92
C LEU A 133 3.96 31.45 37.96
N SER A 134 3.20 30.45 38.37
CA SER A 134 2.09 29.95 37.56
C SER A 134 0.81 30.78 37.71
N LEU A 135 0.17 31.10 36.59
CA LEU A 135 -1.02 31.94 36.64
C LEU A 135 -1.96 31.67 35.49
N VAL A 136 -3.24 31.99 35.67
CA VAL A 136 -4.17 32.03 34.57
C VAL A 136 -5.43 32.73 35.00
N GLY A 137 -6.11 33.37 34.07
CA GLY A 137 -7.41 33.96 34.35
C GLY A 137 -8.54 32.97 34.05
N MET A 138 -9.69 33.19 34.66
CA MET A 138 -10.88 32.41 34.34
C MET A 138 -11.45 32.80 32.98
N SER A 139 -10.94 33.90 32.43
CA SER A 139 -11.31 34.33 31.11
C SER A 139 -10.06 34.96 30.49
N PRO A 140 -10.00 35.04 29.17
CA PRO A 140 -8.83 35.68 28.54
C PRO A 140 -8.58 37.09 29.10
N GLU A 141 -9.65 37.87 29.30
CA GLU A 141 -9.49 39.22 29.77
C GLU A 141 -8.84 39.22 31.15
N GLU A 142 -9.24 38.28 31.99
CA GLU A 142 -8.67 38.17 33.31
C GLU A 142 -7.18 37.80 33.20
N THR A 143 -6.87 36.95 32.23
CA THR A 143 -5.50 36.52 32.03
C THR A 143 -4.62 37.71 31.72
N HIS A 144 -5.11 38.60 30.87
CA HIS A 144 -4.36 39.81 30.53
C HIS A 144 -4.20 40.75 31.70
N THR A 145 -5.27 40.89 32.48
CA THR A 145 -5.21 41.70 33.68
C THR A 145 -4.09 41.20 34.59
N ILE A 146 -4.03 39.89 34.81
CA ILE A 146 -2.98 39.29 35.63
C ILE A 146 -1.57 39.53 35.05
N LEU A 147 -1.39 39.20 33.78
CA LEU A 147 -0.08 39.38 33.17
C LEU A 147 0.37 40.84 33.19
N MET A 149 -0.39 42.94 35.47
CA MET A 149 0.06 43.17 36.85
C MET A 149 1.48 42.67 37.02
N VAL A 150 1.75 41.45 36.56
CA VAL A 150 3.08 40.88 36.68
C VAL A 150 4.07 41.76 35.91
N GLU A 151 3.66 42.23 34.73
CA GLU A 151 4.51 43.08 33.92
C GLU A 151 4.88 44.36 34.67
N ALA A 152 3.91 44.91 35.40
CA ALA A 152 4.10 46.17 36.08
C ALA A 152 4.81 45.98 37.42
N SER A 153 4.86 44.74 37.89
CA SER A 153 5.46 44.44 39.19
C SER A 153 6.98 44.45 39.14
N LYS A 154 7.61 44.13 40.27
CA LYS A 154 9.06 44.11 40.38
C LYS A 154 9.62 42.71 40.13
N TYR A 155 8.74 41.75 39.94
CA TYR A 155 9.15 40.38 39.62
C TYR A 155 9.81 40.31 38.24
N GLN A 156 10.92 39.61 38.16
CA GLN A 156 11.66 39.50 36.90
C GLN A 156 11.93 38.04 36.56
N GLY A 157 11.42 37.13 37.39
CA GLY A 157 11.63 35.72 37.18
C GLY A 157 10.70 35.08 36.16
N LEU A 158 10.77 33.76 36.08
CA LEU A 158 9.99 33.01 35.12
C LEU A 158 8.53 32.96 35.48
N VAL A 159 7.69 33.01 34.45
CA VAL A 159 6.24 32.97 34.59
C VAL A 159 5.74 31.81 33.75
N GLU A 160 4.81 31.03 34.31
CA GLU A 160 4.20 29.94 33.57
C GLU A 160 2.69 30.19 33.39
N LEU A 161 2.28 30.48 32.15
CA LEU A 161 0.88 30.70 31.85
C LEU A 161 0.24 29.34 31.61
N ASN A 162 -0.80 29.04 32.37
CA ASN A 162 -1.45 27.74 32.31
C ASN A 162 -2.53 27.81 31.24
N LEU A 163 -2.29 27.15 30.11
CA LEU A 163 -3.24 27.19 29.01
C LEU A 163 -4.27 26.04 29.01
N SER A 164 -4.29 25.20 30.04
CA SER A 164 -5.45 24.33 30.26
C SER A 164 -6.45 25.10 31.12
N CYS A 165 -7.02 26.15 30.53
CA CYS A 165 -7.84 27.07 31.29
C CYS A 165 -9.21 27.22 30.62
N PRO A 166 -10.18 27.75 31.37
CA PRO A 166 -11.58 27.85 30.91
C PRO A 166 -11.74 28.71 29.67
N ASN A 167 -12.50 28.18 28.73
CA ASN A 167 -12.81 28.90 27.52
C ASN A 167 -14.27 29.31 27.61
N VAL A 168 -14.71 30.10 26.63
CA VAL A 168 -16.11 30.45 26.47
C VAL A 168 -16.91 29.18 26.18
N PRO A 169 -18.23 29.22 26.45
CA PRO A 169 -19.07 28.03 26.31
C PRO A 169 -19.03 27.51 24.88
N GLY A 170 -19.01 26.18 24.74
CA GLY A 170 -18.97 25.55 23.43
C GLY A 170 -17.57 25.44 22.88
N PRO A 172 -13.49 24.12 23.92
CA PRO A 172 -12.65 23.27 24.77
C PRO A 172 -11.66 24.11 25.54
N GLN A 173 -10.91 23.50 26.44
CA GLN A 173 -9.81 24.21 27.09
C GLN A 173 -8.95 24.93 26.07
N ILE A 174 -8.45 26.09 26.48
CA ILE A 174 -7.82 27.01 25.55
C ILE A 174 -6.74 26.39 24.67
N ALA A 175 -5.83 25.59 25.23
CA ALA A 175 -4.76 24.98 24.45
C ALA A 175 -5.27 23.93 23.46
N TYR A 176 -6.55 23.60 23.52
CA TYR A 176 -7.12 22.69 22.54
C TYR A 176 -7.87 23.48 21.48
N ASP A 177 -7.77 24.79 21.60
CA ASP A 177 -8.39 25.71 20.68
C ASP A 177 -7.30 26.59 20.11
N PHE A 178 -6.69 26.12 19.03
CA PHE A 178 -5.52 26.78 18.48
C PHE A 178 -5.78 28.23 18.11
N GLU A 179 -6.96 28.51 17.56
CA GLU A 179 -7.27 29.87 17.16
C GLU A 179 -7.21 30.81 18.38
N THR A 180 -7.82 30.40 19.49
CA THR A 180 -7.80 31.22 20.70
C THR A 180 -6.41 31.25 21.31
N THR A 181 -5.72 30.11 21.30
CA THR A 181 -4.36 30.06 21.81
C THR A 181 -3.49 31.08 21.07
N ASP A 182 -3.57 31.10 19.75
CA ASP A 182 -2.74 32.00 18.96
C ASP A 182 -3.10 33.46 19.26
N GLN A 183 -4.39 33.73 19.36
CA GLN A 183 -4.85 35.06 19.66
C GLN A 183 -4.35 35.52 21.05
N ILE A 184 -4.46 34.66 22.06
CA ILE A 184 -4.00 35.01 23.39
C ILE A 184 -2.50 35.31 23.42
N LEU A 185 -1.70 34.43 22.81
CA LEU A 185 -0.24 34.58 22.86
C LEU A 185 0.15 35.84 22.10
N SER A 186 -0.52 36.06 20.98
CA SER A 186 -0.28 37.27 20.22
C SER A 186 -0.53 38.53 21.08
N GLU A 187 -1.68 38.60 21.72
CA GLU A 187 -2.00 39.77 22.56
C GLU A 187 -0.97 39.90 23.70
N VAL A 188 -0.70 38.78 24.36
CA VAL A 188 0.23 38.74 25.48
C VAL A 188 1.57 39.37 25.13
N PHE A 189 2.14 38.99 24.01
CA PHE A 189 3.46 39.47 23.68
C PHE A 189 3.50 40.88 23.08
N THR A 190 2.36 41.55 23.01
CA THR A 190 2.42 42.94 22.60
C THR A 190 2.79 43.78 23.80
N TYR A 191 2.66 43.24 25.02
CA TYR A 191 2.95 44.02 26.22
C TYR A 191 3.88 43.29 27.21
N PHE A 192 3.84 41.98 27.21
CA PHE A 192 4.55 41.23 28.23
C PHE A 192 6.01 41.01 27.87
N THR A 193 6.91 41.51 28.70
CA THR A 193 8.34 41.45 28.40
C THR A 193 9.12 40.49 29.31
N LYS A 194 8.48 39.98 30.35
CA LYS A 194 9.11 39.05 31.28
C LYS A 194 9.24 37.65 30.66
N PRO A 195 10.15 36.83 31.19
CA PRO A 195 10.31 35.47 30.65
C PRO A 195 9.05 34.67 30.88
N LEU A 196 8.49 34.13 29.80
CA LEU A 196 7.20 33.46 29.88
C LEU A 196 7.21 32.08 29.21
N GLY A 197 6.69 31.09 29.92
CA GLY A 197 6.47 29.79 29.32
C GLY A 197 5.01 29.44 29.46
N ILE A 198 4.59 28.38 28.76
CA ILE A 198 3.20 27.96 28.84
C ILE A 198 3.08 26.51 29.28
N LYS A 199 2.08 26.25 30.12
CA LYS A 199 1.79 24.89 30.58
C LYS A 199 0.78 24.33 29.60
N LEU A 200 1.03 23.13 29.10
CA LEU A 200 0.24 22.58 28.02
C LEU A 200 -0.40 21.26 28.40
N PRO A 201 -1.65 21.03 27.95
CA PRO A 201 -2.26 19.71 28.03
C PRO A 201 -1.60 18.81 27.01
N PRO A 202 -1.77 17.49 27.15
CA PRO A 202 -1.19 16.59 26.15
C PRO A 202 -1.95 16.67 24.84
N TYR A 203 -1.24 16.46 23.73
CA TYR A 203 -1.88 16.21 22.46
C TYR A 203 -1.68 14.75 22.10
N PHE A 204 -2.47 14.23 21.16
CA PHE A 204 -2.38 12.82 20.83
C PHE A 204 -2.34 12.55 19.33
N ASP A 205 -2.16 13.60 18.55
CA ASP A 205 -2.19 13.49 17.11
C ASP A 205 -1.03 14.29 16.50
N ILE A 206 -0.29 13.64 15.59
CA ILE A 206 0.81 14.29 14.88
C ILE A 206 0.42 15.65 14.33
N VAL A 207 -0.74 15.73 13.70
CA VAL A 207 -1.17 17.00 13.13
C VAL A 207 -1.39 18.07 14.20
N HIS A 208 -1.84 17.66 15.38
CA HIS A 208 -2.01 18.63 16.46
C HIS A 208 -0.66 19.14 16.98
N PHE A 209 0.32 18.24 17.15
CA PHE A 209 1.68 18.67 17.45
C PHE A 209 2.16 19.69 16.42
N ASP A 210 1.96 19.40 15.14
CA ASP A 210 2.44 20.31 14.11
C ASP A 210 1.76 21.65 14.25
N GLN A 211 0.45 21.64 14.45
CA GLN A 211 -0.29 22.90 14.49
C GLN A 211 0.06 23.70 15.74
N ALA A 212 0.19 23.03 16.87
CA ALA A 212 0.54 23.72 18.11
C ALA A 212 1.92 24.35 17.98
N ALA A 213 2.87 23.55 17.47
CA ALA A 213 4.24 24.03 17.34
C ALA A 213 4.29 25.22 16.39
N ALA A 214 3.50 25.19 15.32
CA ALA A 214 3.57 26.27 14.35
C ALA A 214 3.12 27.56 15.01
N ILE A 215 2.26 27.42 16.02
CA ILE A 215 1.82 28.60 16.77
C ILE A 215 2.89 29.05 17.76
N PHE A 216 3.36 28.13 18.58
CA PHE A 216 4.31 28.47 19.63
C PHE A 216 5.59 29.07 19.07
N ASN A 217 6.06 28.53 17.94
CA ASN A 217 7.29 28.98 17.32
C ASN A 217 7.26 30.45 16.96
N TYR A 219 6.50 32.87 18.74
CA TYR A 219 6.55 33.76 19.88
C TYR A 219 7.79 33.57 20.71
N PRO A 220 8.23 34.64 21.39
CA PRO A 220 9.43 34.57 22.22
C PRO A 220 9.14 33.87 23.56
N LEU A 221 8.55 32.68 23.46
CA LEU A 221 8.31 31.85 24.62
C LEU A 221 9.66 31.40 25.16
N THR A 222 9.81 31.42 26.47
CA THR A 222 11.01 30.88 27.10
C THR A 222 10.95 29.36 27.16
N PHE A 223 9.77 28.79 27.34
CA PHE A 223 9.63 27.35 27.44
C PHE A 223 8.18 26.94 27.27
N VAL A 224 7.97 25.65 27.02
CA VAL A 224 6.67 25.04 27.15
C VAL A 224 6.84 23.95 28.17
N ASN A 225 5.75 23.60 28.85
CA ASN A 225 5.79 22.60 29.90
C ASN A 225 4.78 21.51 29.56
N CYS A 226 5.28 20.34 29.18
CA CYS A 226 4.46 19.20 28.81
C CYS A 226 4.67 18.10 29.85
N ILE A 227 3.61 17.60 30.50
CA ILE A 227 2.23 17.95 30.22
C ILE A 227 1.42 18.17 31.50
N ASN A 228 0.35 18.93 31.36
CA ASN A 228 -0.70 18.96 32.35
C ASN A 228 -1.33 17.58 32.43
N SER A 229 -2.33 17.43 33.28
CA SER A 229 -3.00 16.14 33.45
C SER A 229 -3.57 15.63 32.14
N ILE A 230 -3.66 14.31 31.98
CA ILE A 230 -4.53 13.78 30.95
C ILE A 230 -5.97 14.11 31.35
N GLY A 231 -6.63 14.94 30.55
CA GLY A 231 -7.91 15.49 30.94
C GLY A 231 -9.05 14.48 31.00
N ASN A 232 -9.94 14.72 31.94
CA ASN A 232 -11.22 14.04 31.96
C ASN A 232 -11.14 12.51 31.97
N GLY A 233 -10.36 11.98 32.89
CA GLY A 233 -10.33 10.55 33.16
C GLY A 233 -11.35 10.25 34.23
N LEU A 234 -11.63 8.96 34.42
CA LEU A 234 -12.64 8.54 35.39
C LEU A 234 -12.11 7.40 36.26
N VAL A 235 -12.15 7.58 37.58
CA VAL A 235 -11.71 6.55 38.49
C VAL A 235 -12.86 6.06 39.38
N ILE A 236 -13.04 4.75 39.41
CA ILE A 236 -14.13 4.17 40.19
C ILE A 236 -13.62 3.27 41.30
N GLU A 237 -14.09 3.55 42.52
CA GLU A 237 -13.82 2.69 43.65
C GLU A 237 -15.18 2.08 43.93
N ASP A 238 -15.26 0.75 43.90
CA ASP A 238 -16.53 0.06 44.08
C ASP A 238 -17.49 0.37 42.91
N GLU A 239 -18.57 1.08 43.21
CA GLU A 239 -19.56 1.46 42.19
C GLU A 239 -19.75 2.97 42.14
N THR A 240 -18.79 3.68 42.73
CA THR A 240 -18.94 5.12 42.89
C THR A 240 -17.66 5.83 42.49
N VAL A 241 -17.80 6.96 41.81
CA VAL A 241 -16.64 7.75 41.46
C VAL A 241 -15.96 8.17 42.77
N VAL A 242 -14.68 8.55 42.68
CA VAL A 242 -13.88 8.80 43.87
C VAL A 242 -13.61 10.28 44.15
N ILE A 243 -14.06 11.17 43.27
CA ILE A 243 -14.05 12.60 43.57
C ILE A 243 -15.43 13.25 43.42
N PRO A 245 -16.30 16.69 42.54
CA PRO A 245 -16.62 17.63 41.47
C PRO A 245 -16.83 16.93 40.12
N LYS A 246 -17.57 17.58 39.23
CA LYS A 246 -17.59 17.20 37.81
C LYS A 246 -17.98 15.75 37.56
N ASN A 247 -18.85 15.22 38.43
CA ASN A 247 -19.41 13.88 38.24
C ASN A 247 -18.34 12.81 38.34
N GLY A 248 -17.20 13.19 38.92
CA GLY A 248 -16.12 12.23 39.11
C GLY A 248 -15.08 12.25 38.00
N PHE A 249 -15.27 13.10 36.99
CA PHE A 249 -14.27 13.26 35.95
C PHE A 249 -13.14 14.17 36.41
N GLY A 250 -11.90 13.78 36.12
CA GLY A 250 -10.79 14.62 36.52
C GLY A 250 -9.48 14.38 35.80
N GLY A 251 -8.52 15.28 36.03
CA GLY A 251 -7.20 15.17 35.45
C GLY A 251 -6.47 13.95 35.99
N ILE A 252 -5.93 13.15 35.09
CA ILE A 252 -5.15 11.99 35.47
C ILE A 252 -3.66 12.33 35.47
N GLY A 253 -2.95 11.89 36.49
CA GLY A 253 -1.52 12.09 36.60
C GLY A 253 -0.89 10.79 37.05
N GLY A 254 0.44 10.74 37.12
CA GLY A 254 1.12 9.55 37.60
C GLY A 254 1.45 8.53 36.54
N ASP A 255 1.51 7.26 36.93
CA ASP A 255 1.99 6.23 36.01
C ASP A 255 1.20 6.18 34.71
N TYR A 256 -0.10 6.46 34.77
CA TYR A 256 -0.96 6.36 33.60
C TYR A 256 -0.40 7.18 32.45
N VAL A 257 0.34 8.21 32.82
CA VAL A 257 0.53 9.38 31.98
C VAL A 257 1.91 9.45 31.28
N LYS A 258 2.89 8.70 31.77
CA LYS A 258 4.26 8.83 31.26
C LYS A 258 4.43 8.63 29.74
N PRO A 259 3.87 7.56 29.17
CA PRO A 259 4.01 7.45 27.71
C PRO A 259 3.54 8.71 27.00
N THR A 260 2.40 9.25 27.44
CA THR A 260 1.87 10.48 26.87
C THR A 260 2.78 11.68 27.15
N ALA A 261 3.25 11.80 28.38
CA ALA A 261 4.12 12.90 28.75
C ALA A 261 5.40 12.89 27.90
N LEU A 262 6.07 11.74 27.86
CA LEU A 262 7.33 11.65 27.13
C LEU A 262 7.10 11.97 25.66
N ALA A 263 5.99 11.48 25.12
CA ALA A 263 5.68 11.72 23.71
C ALA A 263 5.53 13.20 23.46
N ASN A 264 4.81 13.91 24.33
CA ASN A 264 4.61 15.34 24.13
C ASN A 264 5.92 16.12 24.24
N VAL A 265 6.73 15.78 25.24
CA VAL A 265 8.04 16.42 25.38
C VAL A 265 8.87 16.21 24.11
N HIS A 266 9.01 14.97 23.70
CA HIS A 266 9.79 14.67 22.52
C HIS A 266 9.18 15.31 21.27
N ALA A 267 7.85 15.20 21.11
CA ALA A 267 7.23 15.74 19.90
C ALA A 267 7.48 17.24 19.75
N PHE A 268 7.41 17.99 20.85
CA PHE A 268 7.71 19.40 20.77
C PHE A 268 9.22 19.65 20.66
N TYR A 269 10.02 18.82 21.32
CA TYR A 269 11.46 18.94 21.23
C TYR A 269 11.87 18.92 19.76
N LYS A 270 11.26 18.02 18.99
CA LYS A 270 11.61 17.86 17.59
C LYS A 270 10.98 18.92 16.70
N ARG A 271 10.16 19.80 17.26
CA ARG A 271 9.40 20.76 16.45
C ARG A 271 9.69 22.22 16.77
N LEU A 272 9.97 22.49 18.05
CA LEU A 272 10.15 23.85 18.50
C LEU A 272 11.55 24.36 18.21
N ASN A 273 11.62 25.62 17.84
CA ASN A 273 12.89 26.30 17.77
C ASN A 273 13.63 26.10 19.11
N PRO A 274 14.95 25.89 19.06
CA PRO A 274 15.69 25.63 20.31
C PRO A 274 15.66 26.79 21.30
N SER A 275 15.24 27.98 20.89
CA SER A 275 15.13 29.08 21.82
C SER A 275 13.96 28.85 22.78
N ILE A 276 13.08 27.91 22.47
CA ILE A 276 11.99 27.57 23.36
C ILE A 276 12.30 26.24 24.03
N GLN A 277 12.61 26.28 25.32
CA GLN A 277 12.96 25.05 26.01
C GLN A 277 11.75 24.29 26.46
N ILE A 278 12.00 23.06 26.90
CA ILE A 278 10.92 22.21 27.33
C ILE A 278 11.12 21.76 28.76
N ILE A 279 10.07 21.91 29.55
CA ILE A 279 10.00 21.38 30.88
C ILE A 279 9.13 20.13 30.74
N GLY A 280 9.56 19.04 31.35
CA GLY A 280 8.87 17.77 31.24
C GLY A 280 8.13 17.47 32.53
N THR A 281 6.85 17.17 32.40
CA THR A 281 6.04 16.84 33.55
C THR A 281 5.13 15.66 33.22
N GLY A 282 5.01 14.71 34.14
CA GLY A 282 4.08 13.61 33.95
C GLY A 282 4.73 12.26 34.16
N GLY A 283 4.22 11.50 35.14
CA GLY A 283 4.64 10.14 35.36
C GLY A 283 5.97 9.96 36.05
N VAL A 284 6.53 11.04 36.59
CA VAL A 284 7.83 10.94 37.23
C VAL A 284 7.72 10.51 38.68
N THR A 286 10.50 8.08 39.59
CA THR A 286 11.86 7.60 39.78
C THR A 286 12.85 8.43 38.98
N GLY A 287 14.13 8.30 39.31
CA GLY A 287 15.18 8.97 38.56
C GLY A 287 15.13 8.55 37.10
N ARG A 288 14.83 7.27 36.87
CA ARG A 288 14.67 6.75 35.53
C ARG A 288 13.61 7.55 34.75
N ASP A 289 12.45 7.75 35.37
CA ASP A 289 11.40 8.56 34.72
C ASP A 289 11.92 9.97 34.37
N ALA A 290 12.61 10.62 35.32
CA ALA A 290 13.16 11.94 35.04
C ALA A 290 14.18 11.84 33.91
N PHE A 291 15.00 10.80 33.97
CA PHE A 291 16.01 10.53 32.96
C PHE A 291 15.38 10.48 31.58
N GLU A 292 14.29 9.74 31.46
CA GLU A 292 13.63 9.58 30.18
C GLU A 292 13.07 10.90 29.65
N HIS A 293 12.53 11.74 30.54
CA HIS A 293 12.05 13.07 30.16
C HIS A 293 13.18 13.92 29.60
N ILE A 294 14.30 13.94 30.31
CA ILE A 294 15.48 14.66 29.85
C ILE A 294 15.98 14.09 28.52
N LEU A 295 15.97 12.77 28.40
CA LEU A 295 16.33 12.11 27.15
C LEU A 295 15.48 12.63 26.01
N CYS A 296 14.18 12.82 26.27
CA CYS A 296 13.26 13.30 25.26
C CYS A 296 13.48 14.77 24.92
N GLY A 297 14.20 15.49 25.78
CA GLY A 297 14.47 16.89 25.51
C GLY A 297 14.29 17.86 26.68
N ALA A 298 13.59 17.42 27.72
CA ALA A 298 13.34 18.27 28.88
C ALA A 298 14.61 18.85 29.48
N SER A 299 14.58 20.15 29.78
CA SER A 299 15.69 20.82 30.47
C SER A 299 15.44 20.79 31.97
N MET A 300 14.19 20.54 32.35
CA MET A 300 13.78 20.57 33.74
C MET A 300 12.62 19.59 33.86
N VAL A 301 12.54 18.92 35.00
CA VAL A 301 11.53 17.91 35.19
C VAL A 301 10.70 18.22 36.43
N GLN A 302 9.40 18.04 36.31
CA GLN A 302 8.48 18.38 37.39
C GLN A 302 7.75 17.15 37.86
N ILE A 303 7.40 17.15 39.14
CA ILE A 303 6.78 16.02 39.79
C ILE A 303 5.48 16.50 40.45
N GLY A 304 4.38 15.86 40.07
CA GLY A 304 3.09 16.23 40.63
C GLY A 304 2.60 15.16 41.60
N THR A 305 1.96 14.15 41.04
CA THR A 305 1.36 13.07 41.81
C THR A 305 2.31 12.48 42.85
N ALA A 306 3.49 12.06 42.41
CA ALA A 306 4.45 11.42 43.31
C ALA A 306 4.84 12.34 44.46
N LEU A 307 4.96 13.64 44.18
CA LEU A 307 5.28 14.61 45.22
C LEU A 307 4.13 14.75 46.19
N HIS A 308 2.91 14.74 45.67
CA HIS A 308 1.72 14.80 46.49
C HIS A 308 1.67 13.62 47.46
N GLN A 309 2.14 12.46 46.99
CA GLN A 309 2.09 11.24 47.77
C GLN A 309 3.25 11.11 48.77
N GLU A 310 4.43 11.58 48.37
CA GLU A 310 5.66 11.30 49.12
C GLU A 310 6.18 12.50 49.93
N GLY A 311 5.80 13.71 49.53
CA GLY A 311 6.32 14.91 50.17
C GLY A 311 7.68 15.29 49.63
N PRO A 312 8.18 16.47 50.01
CA PRO A 312 9.40 17.09 49.46
C PRO A 312 10.65 16.22 49.59
N GLN A 313 10.58 15.17 50.41
CA GLN A 313 11.72 14.27 50.54
C GLN A 313 12.01 13.56 49.22
N ILE A 314 11.00 13.52 48.35
CA ILE A 314 11.10 12.79 47.09
C ILE A 314 12.21 13.35 46.20
N PHE A 315 12.53 14.63 46.35
CA PHE A 315 13.54 15.23 45.49
C PHE A 315 14.90 14.61 45.79
N LYS A 316 15.24 14.53 47.08
CA LYS A 316 16.46 13.84 47.49
C LYS A 316 16.55 12.47 46.85
N ARG A 317 15.51 11.67 47.02
CA ARG A 317 15.51 10.32 46.47
C ARG A 317 15.68 10.30 44.97
N ILE A 318 14.80 11.02 44.26
CA ILE A 318 14.83 10.97 42.80
C ILE A 318 16.13 11.56 42.24
N THR A 319 16.65 12.60 42.90
CA THR A 319 17.91 13.18 42.45
C THR A 319 19.00 12.13 42.48
N LYS A 320 19.09 11.41 43.59
CA LYS A 320 20.05 10.33 43.75
C LYS A 320 19.88 9.28 42.64
N GLU A 321 18.65 8.84 42.43
CA GLU A 321 18.38 7.80 41.43
C GLU A 321 18.76 8.26 40.02
N LEU A 322 18.54 9.54 39.73
CA LEU A 322 18.90 10.08 38.41
C LEU A 322 20.41 10.13 38.28
N ALA A 324 22.54 8.42 39.71
CA ALA A 324 23.07 7.07 39.60
C ALA A 324 23.08 6.62 38.15
N ILE A 325 21.98 6.87 37.46
CA ILE A 325 21.90 6.51 36.04
C ILE A 325 22.97 7.25 35.25
N MET A 326 23.14 8.54 35.53
CA MET A 326 24.14 9.33 34.84
C MET A 326 25.54 8.75 35.08
N THR A 327 25.83 8.44 36.34
CA THR A 327 27.12 7.88 36.69
C THR A 327 27.37 6.58 35.91
N GLU A 328 26.44 5.64 36.02
CA GLU A 328 26.52 4.38 35.30
C GLU A 328 26.74 4.58 33.80
N LYS A 329 26.20 5.67 33.28
CA LYS A 329 26.23 5.93 31.86
C LYS A 329 27.47 6.76 31.48
N GLY A 330 28.10 7.36 32.49
CA GLY A 330 29.26 8.20 32.26
C GLY A 330 28.87 9.60 31.85
N TYR A 331 27.66 10.01 32.18
CA TYR A 331 27.20 11.36 31.90
C TYR A 331 27.59 12.30 33.03
N GLU A 332 28.01 13.50 32.69
CA GLU A 332 28.47 14.46 33.69
C GLU A 332 27.49 15.62 33.90
N THR A 333 26.83 16.02 32.83
CA THR A 333 25.83 17.08 32.88
C THR A 333 24.62 16.63 32.06
N LEU A 334 23.49 17.33 32.20
CA LEU A 334 22.30 17.00 31.42
C LEU A 334 22.62 17.10 29.95
N GLU A 335 23.47 18.05 29.61
CA GLU A 335 23.86 18.27 28.22
C GLU A 335 24.37 16.99 27.52
N ASP A 336 24.94 16.06 28.28
CA ASP A 336 25.49 14.83 27.71
C ASP A 336 24.43 13.90 27.15
N PHE A 337 23.17 14.05 27.58
CA PHE A 337 22.12 13.15 27.09
C PHE A 337 20.79 13.82 26.76
N ARG A 338 20.63 15.09 27.12
CA ARG A 338 19.35 15.74 26.87
C ARG A 338 19.04 15.73 25.40
N GLY A 339 17.87 15.23 25.06
CA GLY A 339 17.42 15.20 23.67
C GLY A 339 18.07 14.12 22.82
N LYS A 340 18.83 13.23 23.45
CA LYS A 340 19.58 12.22 22.71
C LYS A 340 18.86 10.88 22.64
N LEU A 341 17.54 10.90 22.85
CA LEU A 341 16.76 9.69 22.72
C LEU A 341 17.02 9.06 21.35
N ASN A 342 17.18 7.74 21.31
CA ASN A 342 17.51 7.04 20.07
C ASN A 342 16.33 6.34 19.41
N ALA A 343 16.24 6.43 18.09
CA ALA A 343 15.30 5.59 17.36
C ALA A 343 15.88 4.19 17.31
N MET A 344 15.09 3.23 16.85
CA MET A 344 15.62 1.88 16.66
C MET A 344 16.46 1.77 15.40
N ALA A 345 17.43 0.85 15.42
CA ALA A 345 18.35 0.64 14.30
C ALA A 345 17.72 0.82 12.93
N VAL B 36 -27.11 -16.30 37.33
CA VAL B 36 -26.15 -15.27 36.90
C VAL B 36 -25.61 -15.49 35.48
N SER B 37 -25.81 -14.48 34.63
CA SER B 37 -25.55 -14.57 33.19
C SER B 37 -24.81 -13.34 32.65
N THR B 38 -23.83 -13.58 31.77
CA THR B 38 -23.11 -12.48 31.12
C THR B 38 -23.52 -12.36 29.66
N HIS B 39 -24.68 -12.93 29.32
CA HIS B 39 -25.27 -12.74 27.99
CA HIS B 39 -25.24 -12.75 27.99
C HIS B 39 -25.46 -11.26 27.75
N THR B 40 -25.52 -10.86 26.49
CA THR B 40 -25.72 -9.46 26.19
C THR B 40 -26.17 -9.30 24.76
N THR B 41 -26.45 -8.07 24.36
CA THR B 41 -26.91 -7.79 23.02
C THR B 41 -26.27 -6.52 22.48
N ILE B 42 -26.10 -6.48 21.17
CA ILE B 42 -25.76 -5.25 20.49
C ILE B 42 -26.68 -5.18 19.30
N GLY B 43 -27.44 -4.11 19.19
CA GLY B 43 -28.46 -4.04 18.16
C GLY B 43 -29.39 -5.21 18.34
N SER B 44 -29.68 -5.90 17.25
CA SER B 44 -30.62 -7.01 17.32
C SER B 44 -29.87 -8.34 17.47
N PHE B 45 -28.60 -8.27 17.84
CA PHE B 45 -27.76 -9.47 17.91
C PHE B 45 -27.49 -9.91 19.34
N ASP B 46 -27.55 -11.20 19.58
CA ASP B 46 -27.28 -11.76 20.90
C ASP B 46 -25.87 -12.31 20.99
N PHE B 47 -25.34 -12.34 22.22
CA PHE B 47 -24.04 -12.94 22.49
C PHE B 47 -24.09 -13.71 23.80
N ASP B 48 -23.49 -14.90 23.81
CA ASP B 48 -23.47 -15.76 24.99
C ASP B 48 -22.65 -15.14 26.10
N ASN B 49 -21.80 -14.20 25.72
CA ASN B 49 -20.90 -13.56 26.68
C ASN B 49 -20.66 -12.11 26.30
N CYS B 50 -20.18 -11.32 27.26
CA CYS B 50 -19.99 -9.90 27.02
C CYS B 50 -18.51 -9.48 27.00
N LEU B 51 -17.63 -10.43 26.69
CA LEU B 51 -16.20 -10.15 26.51
C LEU B 51 -15.79 -10.63 25.13
N MET B 52 -14.85 -9.93 24.51
CA MET B 52 -14.37 -10.32 23.19
C MET B 52 -13.03 -9.65 22.90
N ASN B 53 -12.44 -9.98 21.76
CA ASN B 53 -11.19 -9.34 21.39
C ASN B 53 -11.40 -7.88 20.97
N ALA B 54 -10.35 -7.08 21.11
CA ALA B 54 -10.36 -5.75 20.53
C ALA B 54 -9.79 -5.82 19.12
N ALA B 55 -10.38 -5.08 18.20
CA ALA B 55 -9.91 -5.08 16.81
C ALA B 55 -8.38 -4.94 16.78
N GLY B 56 -7.74 -5.69 15.89
CA GLY B 56 -6.29 -5.64 15.72
C GLY B 56 -5.54 -6.69 16.53
N VAL B 57 -6.18 -7.22 17.57
CA VAL B 57 -5.54 -8.21 18.42
C VAL B 57 -6.12 -9.61 18.20
N TYR B 58 -5.24 -10.58 17.96
CA TYR B 58 -5.63 -11.97 17.80
C TYR B 58 -6.72 -12.19 16.77
N CYS B 59 -6.56 -11.61 15.58
CA CYS B 59 -7.62 -11.69 14.59
C CYS B 59 -7.09 -11.50 13.18
N MET B 60 -5.79 -11.70 13.00
CA MET B 60 -5.19 -11.61 11.67
C MET B 60 -5.75 -12.66 10.70
N THR B 61 -5.92 -13.89 11.17
CA THR B 61 -6.23 -15.02 10.29
C THR B 61 -7.47 -15.79 10.67
N ARG B 62 -7.99 -16.56 9.72
CA ARG B 62 -9.10 -17.47 9.99
C ARG B 62 -8.85 -18.36 11.21
N GLU B 63 -7.60 -18.78 11.38
CA GLU B 63 -7.24 -19.67 12.48
C GLU B 63 -7.37 -18.96 13.83
N GLU B 64 -6.85 -17.75 13.91
CA GLU B 64 -6.91 -17.00 15.15
C GLU B 64 -8.36 -16.67 15.49
N LEU B 65 -9.11 -16.23 14.48
CA LEU B 65 -10.51 -15.93 14.69
C LEU B 65 -11.25 -17.14 15.23
N ALA B 66 -11.01 -18.31 14.63
CA ALA B 66 -11.65 -19.55 15.09
C ALA B 66 -11.29 -19.83 16.55
N ALA B 67 -10.04 -19.59 16.91
CA ALA B 67 -9.62 -19.77 18.29
C ALA B 67 -10.41 -18.87 19.23
N ILE B 68 -10.70 -17.64 18.79
CA ILE B 68 -11.56 -16.75 19.57
C ILE B 68 -12.96 -17.35 19.69
N ASP B 69 -13.49 -17.78 18.54
CA ASP B 69 -14.83 -18.32 18.46
C ASP B 69 -15.04 -19.53 19.34
N HIS B 70 -13.97 -20.28 19.60
CA HIS B 70 -14.04 -21.49 20.39
C HIS B 70 -13.62 -21.25 21.81
N SER B 71 -13.26 -20.01 22.13
CA SER B 71 -12.95 -19.62 23.50
C SER B 71 -14.23 -19.20 24.20
N GLU B 72 -14.11 -18.73 25.44
CA GLU B 72 -15.30 -18.26 26.15
C GLU B 72 -15.74 -16.85 25.72
N ALA B 73 -14.97 -16.23 24.84
CA ALA B 73 -15.36 -14.95 24.27
C ALA B 73 -16.75 -15.04 23.65
N GLY B 74 -17.52 -13.97 23.75
CA GLY B 74 -18.88 -13.93 23.22
C GLY B 74 -18.94 -13.60 21.74
N SER B 75 -17.81 -13.23 21.16
CA SER B 75 -17.80 -12.82 19.76
C SER B 75 -16.37 -12.57 19.37
N PHE B 76 -16.14 -12.21 18.13
CA PHE B 76 -14.86 -11.64 17.75
C PHE B 76 -15.04 -10.48 16.78
N VAL B 77 -14.02 -9.64 16.69
CA VAL B 77 -14.00 -8.64 15.63
C VAL B 77 -12.76 -8.92 14.80
N THR B 78 -12.91 -8.83 13.48
CA THR B 78 -11.82 -9.12 12.57
C THR B 78 -10.74 -8.06 12.67
N THR B 80 -8.71 -5.13 11.40
CA THR B 80 -9.23 -4.04 10.58
C THR B 80 -8.79 -4.22 9.13
N GLY B 81 -9.75 -4.43 8.24
CA GLY B 81 -9.42 -4.74 6.87
C GLY B 81 -9.45 -3.54 5.94
N THR B 82 -8.49 -3.49 5.05
CA THR B 82 -8.50 -2.45 4.02
C THR B 82 -8.84 -3.07 2.68
N LEU B 83 -9.08 -2.22 1.69
CA LEU B 83 -9.53 -2.69 0.38
C LEU B 83 -8.60 -3.78 -0.17
N GLU B 84 -7.30 -3.52 -0.06
CA GLU B 84 -6.27 -4.48 -0.47
C GLU B 84 -5.40 -4.83 0.71
N GLU B 85 -4.75 -5.98 0.66
CA GLU B 85 -4.03 -6.43 1.83
C GLU B 85 -2.81 -5.52 2.06
N ARG B 86 -2.37 -5.50 3.30
CA ARG B 86 -1.31 -4.58 3.69
C ARG B 86 -0.34 -5.33 4.57
N ALA B 87 0.93 -5.04 4.39
CA ALA B 87 1.97 -5.66 5.20
C ALA B 87 2.08 -4.95 6.53
N GLY B 88 1.68 -3.68 6.54
CA GLY B 88 1.83 -2.86 7.74
C GLY B 88 3.23 -2.28 7.88
N ASN B 89 3.56 -1.84 9.09
CA ASN B 89 4.79 -1.11 9.36
C ASN B 89 5.95 -2.05 9.66
N PRO B 90 7.19 -1.56 9.55
CA PRO B 90 8.39 -2.34 9.87
C PRO B 90 8.40 -2.80 11.32
N GLN B 91 9.07 -3.92 11.58
CA GLN B 91 9.16 -4.50 12.92
C GLN B 91 10.40 -4.03 13.65
N PRO B 92 10.39 -4.09 14.99
CA PRO B 92 9.21 -4.46 15.79
C PRO B 92 8.23 -3.28 15.88
N ARG B 93 6.94 -3.60 15.86
CA ARG B 93 5.89 -2.59 15.76
C ARG B 93 5.00 -2.70 16.98
N TYR B 94 5.43 -3.52 17.93
CA TYR B 94 4.68 -3.75 19.16
C TYR B 94 5.62 -4.08 20.30
N ALA B 95 5.35 -3.51 21.47
CA ALA B 95 6.13 -3.86 22.65
C ALA B 95 5.25 -3.84 23.89
N ASP B 96 5.55 -4.72 24.82
CA ASP B 96 4.84 -4.74 26.09
C ASP B 96 5.59 -3.96 27.13
N THR B 97 4.89 -3.64 28.21
CA THR B 97 5.45 -2.85 29.31
C THR B 97 4.88 -3.49 30.57
N LYS B 98 5.40 -3.13 31.75
CA LYS B 98 4.80 -3.63 32.98
C LYS B 98 3.35 -3.16 33.07
N LEU B 99 3.05 -2.03 32.44
CA LEU B 99 1.74 -1.41 32.58
C LEU B 99 0.82 -1.61 31.38
N GLY B 100 1.37 -1.84 30.20
CA GLY B 100 0.51 -2.00 29.04
C GLY B 100 1.26 -2.31 27.77
N SER B 101 0.84 -1.69 26.67
CA SER B 101 1.51 -1.90 25.41
C SER B 101 1.59 -0.63 24.56
N ILE B 102 2.50 -0.65 23.60
CA ILE B 102 2.58 0.42 22.64
C ILE B 102 2.69 -0.25 21.29
N ASN B 103 2.00 0.29 20.29
CA ASN B 103 2.09 -0.31 18.97
C ASN B 103 1.96 0.68 17.84
N SER B 104 2.55 0.35 16.70
CA SER B 104 2.28 1.08 15.49
C SER B 104 2.24 0.10 14.32
N MET B 105 1.11 -0.62 14.21
CA MET B 105 1.00 -1.73 13.29
C MET B 105 0.97 -1.30 11.84
N GLY B 106 0.26 -0.22 11.56
CA GLY B 106 0.10 0.25 10.19
C GLY B 106 -0.97 -0.53 9.44
N LEU B 107 -1.95 -1.02 10.18
CA LEU B 107 -3.11 -1.67 9.58
C LEU B 107 -2.69 -2.83 8.67
N PRO B 108 -1.86 -3.74 9.20
CA PRO B 108 -1.57 -4.97 8.46
C PRO B 108 -2.82 -5.83 8.47
N ASN B 109 -3.18 -6.37 7.32
CA ASN B 109 -4.34 -7.24 7.24
C ASN B 109 -4.38 -7.96 5.89
N LEU B 110 -5.14 -9.05 5.81
CA LEU B 110 -5.17 -9.88 4.61
C LEU B 110 -6.16 -9.35 3.58
N GLY B 111 -6.65 -8.14 3.81
CA GLY B 111 -7.58 -7.51 2.88
C GLY B 111 -9.03 -7.75 3.27
N ILE B 112 -9.90 -6.80 2.95
CA ILE B 112 -11.28 -6.86 3.41
C ILE B 112 -11.96 -8.15 2.95
N ASN B 113 -11.80 -8.47 1.66
CA ASN B 113 -12.40 -9.66 1.08
C ASN B 113 -12.19 -10.94 1.88
N TYR B 114 -10.98 -11.10 2.42
CA TYR B 114 -10.64 -12.22 3.26
C TYR B 114 -11.55 -12.30 4.48
N TYR B 115 -11.69 -11.20 5.22
CA TYR B 115 -12.50 -11.19 6.43
C TYR B 115 -13.99 -11.21 6.11
N LEU B 116 -14.37 -10.50 5.05
CA LEU B 116 -15.75 -10.45 4.62
C LEU B 116 -16.25 -11.86 4.28
N ASP B 117 -15.52 -12.54 3.39
CA ASP B 117 -15.85 -13.92 3.03
C ASP B 117 -15.94 -14.82 4.25
N TYR B 118 -14.98 -14.70 5.14
CA TYR B 118 -14.96 -15.54 6.34
C TYR B 118 -16.17 -15.35 7.26
N VAL B 119 -16.54 -14.09 7.54
CA VAL B 119 -17.70 -13.86 8.41
C VAL B 119 -19.02 -14.12 7.71
N THR B 120 -19.07 -13.87 6.40
CA THR B 120 -20.23 -14.26 5.60
C THR B 120 -20.46 -15.77 5.71
N GLU B 121 -19.38 -16.52 5.55
CA GLU B 121 -19.42 -17.98 5.53
C GLU B 121 -19.79 -18.57 6.90
N LEU B 122 -19.37 -17.92 7.97
CA LEU B 122 -19.74 -18.37 9.32
C LEU B 122 -21.23 -18.17 9.66
N GLN B 123 -21.88 -17.24 8.95
CA GLN B 123 -23.31 -17.00 9.15
C GLN B 123 -24.11 -18.26 8.91
N LYS B 124 -23.73 -18.99 7.86
CA LYS B 124 -24.44 -20.19 7.44
C LYS B 124 -24.41 -21.30 8.48
N GLN B 125 -23.23 -21.58 9.02
CA GLN B 125 -23.08 -22.66 10.00
C GLN B 125 -24.04 -22.48 11.18
N PRO B 126 -24.42 -23.60 11.83
CA PRO B 126 -25.31 -23.58 12.99
C PRO B 126 -24.53 -23.30 14.27
N ASP B 127 -25.22 -22.75 15.28
CA ASP B 127 -24.58 -22.42 16.56
C ASP B 127 -23.55 -21.28 16.41
N SER B 128 -23.51 -20.70 15.21
CA SER B 128 -22.59 -19.63 14.88
C SER B 128 -22.80 -18.38 15.74
N LYS B 129 -21.71 -17.90 16.35
CA LYS B 129 -21.77 -16.67 17.13
C LYS B 129 -21.86 -15.48 16.18
N ASN B 130 -22.41 -14.37 16.66
CA ASN B 130 -22.41 -13.16 15.87
C ASN B 130 -21.03 -12.49 15.94
N HIS B 131 -20.59 -11.89 14.84
CA HIS B 131 -19.27 -11.27 14.80
C HIS B 131 -19.28 -9.83 14.31
N PHE B 132 -18.11 -9.20 14.43
CA PHE B 132 -17.91 -7.82 14.03
C PHE B 132 -16.86 -7.76 12.93
N LEU B 133 -17.22 -7.15 11.81
CA LEU B 133 -16.28 -6.96 10.72
C LEU B 133 -15.71 -5.54 10.80
N SER B 134 -14.44 -5.44 11.21
CA SER B 134 -13.78 -4.14 11.31
C SER B 134 -13.13 -3.73 10.00
N LEU B 135 -13.33 -2.49 9.58
CA LEU B 135 -12.79 -2.06 8.30
C LEU B 135 -12.51 -0.58 8.29
N VAL B 136 -11.66 -0.16 7.37
CA VAL B 136 -11.49 1.26 7.08
C VAL B 136 -10.67 1.40 5.82
N GLY B 137 -10.91 2.46 5.06
CA GLY B 137 -10.07 2.79 3.93
C GLY B 137 -8.91 3.69 4.31
N MET B 138 -7.87 3.72 3.49
CA MET B 138 -6.74 4.61 3.70
C MET B 138 -7.12 6.03 3.30
N SER B 139 -8.27 6.15 2.66
CA SER B 139 -8.82 7.43 2.28
C SER B 139 -10.33 7.31 2.38
N PRO B 140 -11.04 8.43 2.54
CA PRO B 140 -12.50 8.36 2.60
C PRO B 140 -13.09 7.61 1.40
N GLU B 141 -12.59 7.89 0.20
CA GLU B 141 -13.09 7.22 -1.00
C GLU B 141 -12.95 5.70 -0.89
N GLU B 142 -11.81 5.25 -0.39
CA GLU B 142 -11.58 3.83 -0.21
C GLU B 142 -12.55 3.27 0.83
N THR B 143 -12.84 4.07 1.85
CA THR B 143 -13.77 3.64 2.90
C THR B 143 -15.14 3.35 2.30
N HIS B 144 -15.60 4.22 1.42
CA HIS B 144 -16.89 4.02 0.77
C HIS B 144 -16.88 2.81 -0.16
N THR B 145 -15.79 2.63 -0.89
CA THR B 145 -15.65 1.48 -1.77
C THR B 145 -15.80 0.21 -0.96
N ILE B 146 -15.16 0.15 0.20
CA ILE B 146 -15.27 -1.01 1.08
C ILE B 146 -16.68 -1.21 1.58
N LEU B 147 -17.27 -0.15 2.11
CA LEU B 147 -18.62 -0.26 2.68
C LEU B 147 -19.61 -0.67 1.61
N MET B 149 -18.99 -2.52 -0.86
CA MET B 149 -18.77 -3.94 -1.07
C MET B 149 -19.51 -4.72 -0.01
N VAL B 150 -19.36 -4.31 1.23
CA VAL B 150 -20.06 -5.00 2.31
C VAL B 150 -21.57 -4.89 2.12
N GLU B 151 -22.02 -3.72 1.70
CA GLU B 151 -23.44 -3.51 1.45
C GLU B 151 -23.97 -4.48 0.41
N ALA B 152 -23.18 -4.68 -0.65
CA ALA B 152 -23.57 -5.54 -1.76
C ALA B 152 -23.37 -7.03 -1.47
N SER B 153 -22.61 -7.34 -0.43
CA SER B 153 -22.32 -8.72 -0.09
C SER B 153 -23.49 -9.40 0.58
N LYS B 154 -23.28 -10.62 1.04
CA LYS B 154 -24.32 -11.40 1.69
C LYS B 154 -24.19 -11.32 3.21
N TYR B 155 -23.15 -10.63 3.66
CA TYR B 155 -22.97 -10.41 5.09
C TYR B 155 -24.08 -9.49 5.67
N GLN B 156 -24.63 -9.89 6.80
CA GLN B 156 -25.72 -9.15 7.41
C GLN B 156 -25.39 -8.84 8.87
N GLY B 157 -24.20 -9.23 9.30
CA GLY B 157 -23.76 -8.99 10.67
C GLY B 157 -23.23 -7.60 10.94
N LEU B 158 -22.71 -7.42 12.15
CA LEU B 158 -22.24 -6.14 12.61
C LEU B 158 -20.94 -5.72 11.93
N VAL B 159 -20.85 -4.44 11.61
CA VAL B 159 -19.69 -3.85 10.99
C VAL B 159 -19.18 -2.76 11.91
N GLU B 160 -17.86 -2.69 12.08
CA GLU B 160 -17.24 -1.64 12.88
C GLU B 160 -16.29 -0.79 12.02
N LEU B 161 -16.71 0.44 11.73
CA LEU B 161 -15.91 1.35 10.93
C LEU B 161 -14.91 2.01 11.86
N ASN B 162 -13.62 1.88 11.52
CA ASN B 162 -12.55 2.38 12.38
C ASN B 162 -12.26 3.83 12.01
N LEU B 163 -12.63 4.76 12.88
CA LEU B 163 -12.49 6.17 12.55
C LEU B 163 -11.21 6.78 13.11
N SER B 164 -10.37 5.93 13.70
CA SER B 164 -9.08 6.34 14.20
C SER B 164 -8.27 6.03 12.94
N CYS B 165 -8.56 6.75 11.87
CA CYS B 165 -7.92 6.51 10.58
C CYS B 165 -7.37 7.75 9.89
N PRO B 166 -6.53 7.51 8.89
CA PRO B 166 -5.90 8.58 8.13
C PRO B 166 -6.87 9.49 7.38
N ASN B 167 -6.52 10.77 7.42
CA ASN B 167 -7.25 11.87 6.80
C ASN B 167 -6.38 12.40 5.66
N VAL B 168 -6.73 13.57 5.14
CA VAL B 168 -5.86 14.28 4.20
C VAL B 168 -4.74 14.95 4.99
N PRO B 169 -3.61 15.21 4.32
CA PRO B 169 -2.48 15.89 4.97
C PRO B 169 -2.95 17.13 5.71
N GLY B 170 -2.28 17.48 6.79
CA GLY B 170 -2.59 18.69 7.54
C GLY B 170 -3.87 18.52 8.35
N PRO B 172 -5.83 15.81 11.28
CA PRO B 172 -5.67 14.77 12.29
C PRO B 172 -6.44 13.53 11.90
N GLN B 173 -6.28 12.45 12.66
CA GLN B 173 -7.10 11.27 12.44
C GLN B 173 -8.58 11.66 12.38
N ILE B 174 -9.33 10.91 11.60
CA ILE B 174 -10.65 11.35 11.17
C ILE B 174 -11.60 11.72 12.31
N ALA B 175 -11.64 10.88 13.34
CA ALA B 175 -12.52 11.12 14.48
C ALA B 175 -12.12 12.34 15.31
N TYR B 176 -10.95 12.92 15.02
CA TYR B 176 -10.55 14.14 15.69
C TYR B 176 -10.86 15.32 14.78
N ASP B 177 -11.55 15.03 13.70
CA ASP B 177 -11.92 16.03 12.72
C ASP B 177 -13.42 15.93 12.53
N PHE B 178 -14.15 16.67 13.35
CA PHE B 178 -15.59 16.52 13.40
C PHE B 178 -16.28 16.85 12.08
N GLU B 179 -15.77 17.83 11.37
CA GLU B 179 -16.33 18.15 10.06
C GLU B 179 -16.23 16.94 9.12
N THR B 180 -15.06 16.32 9.05
CA THR B 180 -14.90 15.16 8.17
C THR B 180 -15.69 13.97 8.69
N THR B 181 -15.69 13.80 10.00
CA THR B 181 -16.43 12.69 10.60
C THR B 181 -17.90 12.79 10.22
N ASP B 182 -18.47 13.98 10.38
CA ASP B 182 -19.86 14.17 10.02
C ASP B 182 -20.11 13.91 8.56
N GLN B 183 -19.24 14.42 7.69
CA GLN B 183 -19.38 14.25 6.26
C GLN B 183 -19.34 12.76 5.89
N ILE B 184 -18.39 12.03 6.45
CA ILE B 184 -18.27 10.60 6.17
C ILE B 184 -19.54 9.84 6.59
N LEU B 185 -19.97 10.04 7.84
CA LEU B 185 -21.13 9.31 8.35
C LEU B 185 -22.36 9.64 7.52
N SER B 186 -22.50 10.91 7.17
CA SER B 186 -23.59 11.33 6.33
C SER B 186 -23.61 10.57 4.99
N GLU B 187 -22.48 10.56 4.28
CA GLU B 187 -22.36 9.84 3.01
C GLU B 187 -22.64 8.35 3.21
N VAL B 188 -21.98 7.77 4.19
CA VAL B 188 -22.14 6.35 4.49
C VAL B 188 -23.58 5.96 4.60
N PHE B 189 -24.36 6.69 5.38
CA PHE B 189 -25.76 6.28 5.59
C PHE B 189 -26.73 6.63 4.47
N THR B 190 -26.24 7.21 3.39
CA THR B 190 -27.09 7.37 2.23
C THR B 190 -27.22 6.04 1.47
N TYR B 191 -26.30 5.11 1.72
CA TYR B 191 -26.32 3.83 1.00
C TYR B 191 -26.19 2.62 1.92
N PHE B 192 -25.53 2.78 3.05
CA PHE B 192 -25.27 1.63 3.91
C PHE B 192 -26.45 1.26 4.83
N THR B 193 -26.94 0.03 4.69
CA THR B 193 -28.13 -0.40 5.44
C THR B 193 -27.84 -1.48 6.47
N LYS B 194 -26.62 -2.00 6.48
CA LYS B 194 -26.24 -3.01 7.45
C LYS B 194 -25.97 -2.37 8.80
N PRO B 195 -26.01 -3.17 9.88
CA PRO B 195 -25.75 -2.64 11.23
C PRO B 195 -24.32 -2.16 11.33
N LEU B 196 -24.15 -0.88 11.69
CA LEU B 196 -22.84 -0.25 11.68
C LEU B 196 -22.53 0.51 12.96
N GLY B 197 -21.37 0.22 13.54
CA GLY B 197 -20.88 0.98 14.66
C GLY B 197 -19.52 1.57 14.28
N ILE B 198 -19.02 2.48 15.10
CA ILE B 198 -17.75 3.14 14.81
C ILE B 198 -16.78 2.97 15.98
N LYS B 199 -15.52 2.74 15.64
CA LYS B 199 -14.45 2.65 16.62
C LYS B 199 -13.88 4.03 16.80
N LEU B 200 -13.76 4.47 18.05
CA LEU B 200 -13.41 5.86 18.33
C LEU B 200 -12.14 5.98 19.13
N PRO B 201 -11.35 7.01 18.85
CA PRO B 201 -10.21 7.36 19.69
C PRO B 201 -10.74 8.05 20.94
N PRO B 202 -9.95 8.12 21.99
CA PRO B 202 -10.41 8.81 23.20
C PRO B 202 -10.48 10.32 22.99
N TYR B 203 -11.42 10.96 23.69
CA TYR B 203 -11.46 12.41 23.77
C TYR B 203 -11.12 12.78 25.19
N PHE B 204 -10.73 14.04 25.41
CA PHE B 204 -10.27 14.44 26.73
C PHE B 204 -10.88 15.75 27.19
N ASP B 205 -11.88 16.21 26.46
CA ASP B 205 -12.50 17.49 26.78
C ASP B 205 -14.02 17.37 26.71
N ILE B 206 -14.69 17.89 27.73
CA ILE B 206 -16.15 17.89 27.77
C ILE B 206 -16.77 18.42 26.47
N VAL B 207 -16.23 19.52 25.97
CA VAL B 207 -16.78 20.10 24.76
C VAL B 207 -16.63 19.14 23.58
N HIS B 208 -15.57 18.34 23.57
CA HIS B 208 -15.36 17.41 22.48
C HIS B 208 -16.35 16.27 22.58
N PHE B 209 -16.58 15.75 23.79
CA PHE B 209 -17.66 14.78 23.97
C PHE B 209 -18.98 15.33 23.46
N ASP B 210 -19.29 16.59 23.79
CA ASP B 210 -20.56 17.17 23.37
C ASP B 210 -20.61 17.24 21.86
N GLN B 211 -19.50 17.62 21.24
CA GLN B 211 -19.51 17.84 19.81
C GLN B 211 -19.61 16.51 19.07
N ALA B 212 -18.85 15.51 19.53
CA ALA B 212 -18.85 14.20 18.90
C ALA B 212 -20.26 13.61 19.02
N ALA B 213 -20.80 13.64 20.22
CA ALA B 213 -22.14 13.09 20.45
C ALA B 213 -23.21 13.77 19.61
N ALA B 214 -23.11 15.09 19.41
CA ALA B 214 -24.09 15.78 18.60
C ALA B 214 -24.03 15.30 17.17
N ILE B 215 -22.86 14.82 16.75
CA ILE B 215 -22.73 14.26 15.40
C ILE B 215 -23.35 12.87 15.38
N PHE B 216 -22.83 12.00 16.24
CA PHE B 216 -23.23 10.60 16.24
C PHE B 216 -24.73 10.45 16.38
N ASN B 217 -25.34 11.24 17.27
CA ASN B 217 -26.77 11.16 17.48
C ASN B 217 -27.63 11.38 16.24
N TYR B 219 -27.25 9.86 13.51
CA TYR B 219 -27.16 8.73 12.59
C TYR B 219 -27.59 7.40 13.17
N PRO B 220 -28.11 6.52 12.32
CA PRO B 220 -28.58 5.22 12.80
C PRO B 220 -27.42 4.30 13.07
N LEU B 221 -26.48 4.78 13.87
CA LEU B 221 -25.38 3.97 14.32
C LEU B 221 -25.89 2.91 15.29
N THR B 222 -25.39 1.69 15.17
CA THR B 222 -25.78 0.62 16.09
C THR B 222 -25.01 0.76 17.39
N PHE B 223 -23.78 1.23 17.29
CA PHE B 223 -22.95 1.39 18.48
C PHE B 223 -21.76 2.26 18.23
N VAL B 224 -21.13 2.69 19.32
CA VAL B 224 -19.81 3.28 19.23
C VAL B 224 -18.95 2.42 20.12
N ASN B 225 -17.66 2.38 19.81
CA ASN B 225 -16.71 1.57 20.57
C ASN B 225 -15.63 2.48 21.13
N CYS B 226 -15.64 2.68 22.44
CA CYS B 226 -14.66 3.51 23.14
C CYS B 226 -13.80 2.63 24.05
N ILE B 227 -12.48 2.63 23.89
CA ILE B 227 -11.73 3.49 22.99
C ILE B 227 -10.64 2.72 22.23
N ASN B 228 -10.27 3.25 21.08
CA ASN B 228 -9.01 2.91 20.45
C ASN B 228 -7.84 3.28 21.36
N SER B 229 -6.62 3.02 20.93
CA SER B 229 -5.45 3.34 21.74
C SER B 229 -5.40 4.83 22.11
N ILE B 230 -4.74 5.13 23.21
CA ILE B 230 -4.35 6.52 23.44
C ILE B 230 -3.25 6.83 22.42
N GLY B 231 -3.54 7.70 21.47
CA GLY B 231 -2.65 7.97 20.37
C GLY B 231 -1.29 8.54 20.74
N ASN B 232 -0.27 8.14 19.99
CA ASN B 232 1.03 8.81 20.02
C ASN B 232 1.70 8.93 21.38
N GLY B 233 1.75 7.83 22.12
CA GLY B 233 2.55 7.75 23.31
C GLY B 233 3.96 7.31 22.95
N LEU B 234 4.85 7.35 23.93
CA LEU B 234 6.25 7.06 23.68
C LEU B 234 6.76 6.20 24.81
N VAL B 235 7.36 5.08 24.47
CA VAL B 235 7.93 4.19 25.45
C VAL B 235 9.42 4.01 25.20
N ILE B 236 10.20 4.13 26.27
CA ILE B 236 11.64 4.05 26.18
C ILE B 236 12.21 2.88 26.98
N GLU B 237 13.12 2.16 26.35
CA GLU B 237 13.82 1.04 26.97
C GLU B 237 15.21 1.63 26.96
N ASP B 238 15.85 1.75 28.12
CA ASP B 238 17.17 2.34 28.13
C ASP B 238 16.98 3.74 27.53
N GLU B 239 17.80 4.08 26.55
CA GLU B 239 17.72 5.37 25.88
C GLU B 239 17.19 5.28 24.45
N THR B 240 16.57 4.15 24.11
CA THR B 240 16.06 3.92 22.77
C THR B 240 14.58 3.59 22.77
N VAL B 241 13.85 4.13 21.81
CA VAL B 241 12.44 3.80 21.69
C VAL B 241 12.34 2.30 21.46
N VAL B 242 11.19 1.71 21.76
CA VAL B 242 11.01 0.26 21.71
C VAL B 242 10.27 -0.26 20.46
N ILE B 243 9.79 0.64 19.60
CA ILE B 243 9.23 0.21 18.32
C ILE B 243 9.90 0.93 17.16
N PRO B 245 8.53 1.73 13.83
CA PRO B 245 7.84 2.74 13.01
C PRO B 245 7.68 4.08 13.72
N LYS B 246 7.48 5.14 12.95
CA LYS B 246 7.01 6.42 13.50
C LYS B 246 7.89 6.96 14.65
N ASN B 247 9.19 6.72 14.56
CA ASN B 247 10.14 7.28 15.52
C ASN B 247 9.89 6.80 16.93
N GLY B 248 9.12 5.73 17.05
CA GLY B 248 8.86 5.15 18.35
C GLY B 248 7.53 5.57 18.95
N PHE B 249 6.83 6.47 18.27
CA PHE B 249 5.51 6.90 18.73
C PHE B 249 4.45 5.85 18.38
N GLY B 250 3.57 5.53 19.33
CA GLY B 250 2.55 4.54 19.04
C GLY B 250 1.36 4.58 19.96
N GLY B 251 0.31 3.87 19.57
CA GLY B 251 -0.91 3.80 20.35
C GLY B 251 -0.64 3.07 21.65
N ILE B 252 -1.10 3.65 22.74
CA ILE B 252 -0.96 3.07 24.07
C ILE B 252 -2.23 2.34 24.48
N GLY B 253 -2.07 1.15 25.07
CA GLY B 253 -3.19 0.34 25.52
C GLY B 253 -2.84 -0.24 26.88
N GLY B 254 -3.80 -0.88 27.52
CA GLY B 254 -3.55 -1.53 28.80
C GLY B 254 -3.82 -0.65 29.99
N ASP B 255 -3.10 -0.89 31.09
CA ASP B 255 -3.36 -0.20 32.35
C ASP B 255 -3.35 1.32 32.21
N TYR B 256 -2.45 1.84 31.38
CA TYR B 256 -2.34 3.30 31.23
C TYR B 256 -3.67 3.94 30.92
N VAL B 257 -4.54 3.15 30.29
CA VAL B 257 -5.62 3.68 29.49
C VAL B 257 -6.99 3.65 30.16
N LYS B 258 -7.15 2.84 31.21
CA LYS B 258 -8.48 2.60 31.78
C LYS B 258 -9.23 3.87 32.22
N PRO B 259 -8.57 4.75 32.97
CA PRO B 259 -9.30 5.97 33.36
C PRO B 259 -9.89 6.71 32.17
N THR B 260 -9.11 6.79 31.10
CA THR B 260 -9.56 7.39 29.86
C THR B 260 -10.67 6.60 29.18
N ALA B 261 -10.49 5.29 29.11
CA ALA B 261 -11.49 4.41 28.48
C ALA B 261 -12.83 4.54 29.19
N LEU B 262 -12.82 4.36 30.51
CA LEU B 262 -14.05 4.41 31.28
C LEU B 262 -14.71 5.78 31.11
N ALA B 263 -13.90 6.84 31.11
CA ALA B 263 -14.46 8.18 30.97
C ALA B 263 -15.16 8.32 29.63
N ASN B 264 -14.56 7.80 28.57
CA ASN B 264 -15.18 7.93 27.26
C ASN B 264 -16.47 7.15 27.17
N VAL B 265 -16.44 5.91 27.68
CA VAL B 265 -17.63 5.09 27.68
C VAL B 265 -18.75 5.83 28.44
N HIS B 266 -18.46 6.25 29.65
CA HIS B 266 -19.47 6.94 30.44
C HIS B 266 -19.91 8.25 29.77
N ALA B 267 -18.96 9.02 29.26
CA ALA B 267 -19.30 10.32 28.70
C ALA B 267 -20.25 10.15 27.53
N PHE B 268 -20.02 9.14 26.71
CA PHE B 268 -20.94 8.89 25.60
C PHE B 268 -22.24 8.25 26.06
N TYR B 269 -22.14 7.41 27.07
CA TYR B 269 -23.33 6.78 27.61
C TYR B 269 -24.30 7.86 28.06
N LYS B 270 -23.78 8.90 28.70
CA LYS B 270 -24.64 9.98 29.19
C LYS B 270 -25.11 10.93 28.10
N ARG B 271 -24.62 10.75 26.87
CA ARG B 271 -24.86 11.73 25.81
C ARG B 271 -25.60 11.15 24.62
N LEU B 272 -25.36 9.89 24.32
CA LEU B 272 -25.92 9.26 23.15
C LEU B 272 -27.34 8.81 23.36
N ASN B 273 -28.17 9.00 22.34
CA ASN B 273 -29.46 8.36 22.30
C ASN B 273 -29.32 6.85 22.59
N PRO B 274 -30.25 6.27 23.38
CA PRO B 274 -30.09 4.86 23.78
C PRO B 274 -30.13 3.87 22.62
N SER B 275 -30.53 4.30 21.43
CA SER B 275 -30.51 3.41 20.27
C SER B 275 -29.07 3.18 19.80
N ILE B 276 -28.13 3.98 20.31
CA ILE B 276 -26.73 3.78 20.00
C ILE B 276 -26.02 3.19 21.20
N GLN B 277 -25.66 1.92 21.12
CA GLN B 277 -25.05 1.27 22.27
C GLN B 277 -23.56 1.52 22.32
N ILE B 278 -22.97 1.17 23.45
CA ILE B 278 -21.57 1.40 23.63
C ILE B 278 -20.84 0.10 23.89
N ILE B 279 -19.77 -0.10 23.14
CA ILE B 279 -18.83 -1.16 23.41
C ILE B 279 -17.68 -0.49 24.14
N GLY B 280 -17.24 -1.08 25.24
CA GLY B 280 -16.16 -0.54 26.03
C GLY B 280 -14.85 -1.28 25.80
N THR B 281 -13.80 -0.53 25.51
CA THR B 281 -12.50 -1.12 25.23
C THR B 281 -11.42 -0.27 25.90
N GLY B 282 -10.46 -0.92 26.54
CA GLY B 282 -9.33 -0.21 27.11
C GLY B 282 -9.08 -0.53 28.57
N GLY B 283 -7.89 -1.04 28.86
CA GLY B 283 -7.47 -1.29 30.22
C GLY B 283 -8.06 -2.53 30.88
N VAL B 284 -8.70 -3.39 30.09
CA VAL B 284 -9.36 -4.56 30.67
C VAL B 284 -8.40 -5.73 30.81
N THR B 286 -8.92 -7.59 34.07
CA THR B 286 -9.62 -8.36 35.09
C THR B 286 -11.13 -8.22 34.94
N GLY B 287 -11.87 -9.09 35.61
CA GLY B 287 -13.31 -9.03 35.63
C GLY B 287 -13.77 -7.69 36.16
N ARG B 288 -13.05 -7.20 37.16
CA ARG B 288 -13.32 -5.89 37.75
C ARG B 288 -13.26 -4.78 36.68
N ASP B 289 -12.22 -4.78 35.87
CA ASP B 289 -12.13 -3.80 34.79
C ASP B 289 -13.34 -3.92 33.87
N ALA B 290 -13.70 -5.13 33.46
CA ALA B 290 -14.84 -5.31 32.57
C ALA B 290 -16.10 -4.80 33.29
N PHE B 291 -16.18 -5.09 34.58
CA PHE B 291 -17.30 -4.69 35.40
C PHE B 291 -17.45 -3.18 35.35
N GLU B 292 -16.35 -2.48 35.54
CA GLU B 292 -16.37 -1.03 35.57
C GLU B 292 -16.83 -0.44 34.23
N HIS B 293 -16.40 -1.05 33.12
CA HIS B 293 -16.84 -0.64 31.79
C HIS B 293 -18.36 -0.78 31.64
N ILE B 294 -18.86 -1.95 32.05
CA ILE B 294 -20.28 -2.19 31.98
C ILE B 294 -21.01 -1.20 32.89
N LEU B 295 -20.44 -0.93 34.06
CA LEU B 295 -21.01 0.04 35.00
C LEU B 295 -21.14 1.41 34.36
N CYS B 296 -20.15 1.78 33.55
CA CYS B 296 -20.14 3.06 32.83
C CYS B 296 -21.13 3.11 31.67
N GLY B 297 -21.59 1.94 31.21
CA GLY B 297 -22.62 1.89 30.18
C GLY B 297 -22.39 0.86 29.10
N ALA B 298 -21.19 0.29 29.04
CA ALA B 298 -20.86 -0.67 27.98
C ALA B 298 -21.81 -1.87 27.98
N SER B 299 -22.25 -2.26 26.78
CA SER B 299 -23.05 -3.45 26.59
C SER B 299 -22.14 -4.64 26.28
N MET B 300 -20.93 -4.33 25.83
CA MET B 300 -19.97 -5.36 25.45
C MET B 300 -18.58 -4.82 25.78
N VAL B 301 -17.68 -5.70 26.20
CA VAL B 301 -16.34 -5.27 26.59
C VAL B 301 -15.31 -5.97 25.74
N GLN B 302 -14.30 -5.23 25.31
CA GLN B 302 -13.27 -5.76 24.44
C GLN B 302 -11.91 -5.70 25.12
N ILE B 303 -11.06 -6.65 24.75
CA ILE B 303 -9.76 -6.81 25.38
C ILE B 303 -8.70 -6.81 24.30
N GLY B 304 -7.76 -5.89 24.40
CA GLY B 304 -6.70 -5.81 23.42
C GLY B 304 -5.39 -6.31 24.00
N THR B 305 -4.71 -5.40 24.70
CA THR B 305 -3.38 -5.67 25.24
C THR B 305 -3.33 -6.96 26.05
N ALA B 306 -4.23 -7.12 27.00
CA ALA B 306 -4.19 -8.30 27.86
C ALA B 306 -4.40 -9.59 27.06
N LEU B 307 -5.22 -9.52 26.01
CA LEU B 307 -5.43 -10.70 25.17
C LEU B 307 -4.15 -11.01 24.37
N HIS B 308 -3.48 -9.97 23.91
CA HIS B 308 -2.23 -10.12 23.19
C HIS B 308 -1.19 -10.83 24.06
N GLN B 309 -1.25 -10.54 25.36
CA GLN B 309 -0.27 -11.03 26.30
C GLN B 309 -0.61 -12.43 26.81
N GLU B 310 -1.89 -12.70 27.01
CA GLU B 310 -2.34 -13.91 27.69
C GLU B 310 -2.92 -14.99 26.77
N GLY B 311 -3.35 -14.59 25.57
CA GLY B 311 -4.02 -15.50 24.65
C GLY B 311 -5.46 -15.76 25.04
N PRO B 312 -6.22 -16.43 24.16
CA PRO B 312 -7.68 -16.63 24.27
C PRO B 312 -8.14 -17.23 25.58
N GLN B 313 -7.23 -17.83 26.33
CA GLN B 313 -7.58 -18.39 27.63
C GLN B 313 -8.09 -17.29 28.57
N ILE B 314 -7.75 -16.04 28.26
CA ILE B 314 -8.08 -14.92 29.13
C ILE B 314 -9.58 -14.75 29.29
N PHE B 315 -10.34 -15.10 28.27
CA PHE B 315 -11.78 -14.95 28.35
C PHE B 315 -12.38 -15.79 29.47
N LYS B 316 -11.98 -17.06 29.52
CA LYS B 316 -12.39 -17.94 30.62
C LYS B 316 -12.12 -17.27 31.95
N ARG B 317 -10.88 -16.82 32.15
CA ARG B 317 -10.50 -16.21 33.42
C ARG B 317 -11.33 -14.97 33.74
N ILE B 318 -11.34 -14.02 32.82
CA ILE B 318 -12.03 -12.76 33.10
C ILE B 318 -13.54 -12.96 33.26
N THR B 319 -14.12 -13.85 32.48
CA THR B 319 -15.54 -14.14 32.61
C THR B 319 -15.87 -14.59 34.02
N LYS B 320 -15.08 -15.54 34.52
CA LYS B 320 -15.22 -16.02 35.89
C LYS B 320 -15.09 -14.86 36.90
N GLU B 321 -14.08 -14.03 36.73
CA GLU B 321 -13.84 -12.92 37.66
C GLU B 321 -15.00 -11.91 37.64
N LEU B 322 -15.55 -11.66 36.46
CA LEU B 322 -16.72 -10.78 36.34
C LEU B 322 -17.94 -11.40 37.03
N ALA B 324 -18.05 -13.47 39.26
CA ALA B 324 -17.86 -13.48 40.71
C ALA B 324 -18.36 -12.19 41.32
N ILE B 325 -17.96 -11.07 40.71
CA ILE B 325 -18.41 -9.77 41.18
C ILE B 325 -19.94 -9.66 41.14
N MET B 326 -20.52 -10.13 40.04
CA MET B 326 -21.97 -10.09 39.89
C MET B 326 -22.65 -10.91 40.99
N THR B 327 -22.15 -12.12 41.22
CA THR B 327 -22.67 -12.97 42.28
C THR B 327 -22.61 -12.27 43.63
N GLU B 328 -21.41 -11.81 44.00
CA GLU B 328 -21.21 -11.10 45.26
C GLU B 328 -22.17 -9.92 45.41
N LYS B 329 -22.54 -9.33 44.28
CA LYS B 329 -23.36 -8.13 44.27
C LYS B 329 -24.84 -8.49 44.17
N GLY B 330 -25.11 -9.72 43.78
CA GLY B 330 -26.48 -10.17 43.61
C GLY B 330 -27.03 -9.78 42.25
N TYR B 331 -26.14 -9.55 41.30
CA TYR B 331 -26.56 -9.23 39.94
C TYR B 331 -26.76 -10.50 39.12
N GLU B 332 -27.80 -10.53 38.31
CA GLU B 332 -28.13 -11.72 37.55
C GLU B 332 -27.86 -11.54 36.06
N THR B 333 -28.08 -10.33 35.57
CA THR B 333 -27.78 -9.99 34.19
C THR B 333 -27.05 -8.66 34.13
N LEU B 334 -26.44 -8.34 32.99
CA LEU B 334 -25.76 -7.04 32.84
C LEU B 334 -26.75 -5.92 33.14
N GLU B 335 -27.98 -6.11 32.69
CA GLU B 335 -29.02 -5.11 32.88
C GLU B 335 -29.12 -4.62 34.32
N ASP B 336 -28.75 -5.46 35.27
CA ASP B 336 -28.88 -5.10 36.69
C ASP B 336 -27.95 -3.98 37.12
N PHE B 337 -26.86 -3.77 36.36
CA PHE B 337 -25.89 -2.75 36.74
C PHE B 337 -25.33 -1.92 35.60
N ARG B 338 -25.64 -2.30 34.36
CA ARG B 338 -25.13 -1.54 33.23
C ARG B 338 -25.57 -0.08 33.31
N GLY B 339 -24.59 0.82 33.23
CA GLY B 339 -24.87 2.24 33.28
C GLY B 339 -25.24 2.78 34.64
N LYS B 340 -25.14 1.94 35.67
CA LYS B 340 -25.57 2.35 37.01
C LYS B 340 -24.42 2.88 37.87
N LEU B 341 -23.36 3.34 37.23
CA LEU B 341 -22.27 3.98 37.95
C LEU B 341 -22.82 5.10 38.82
N ASN B 342 -22.34 5.20 40.05
CA ASN B 342 -22.85 6.20 40.99
C ASN B 342 -21.93 7.40 41.16
N ALA B 343 -22.52 8.58 41.26
CA ALA B 343 -21.76 9.75 41.66
C ALA B 343 -21.58 9.68 43.16
N MET B 344 -20.79 10.57 43.73
CA MET B 344 -20.63 10.63 45.18
C MET B 344 -21.73 11.45 45.85
N ALA B 345 -21.78 11.36 47.18
CA ALA B 345 -22.59 12.26 48.03
C ALA B 345 -23.88 12.74 47.40
N VAL C 36 13.45 -45.09 -25.42
CA VAL C 36 12.97 -43.70 -25.54
C VAL C 36 12.76 -43.06 -24.17
N SER C 37 13.67 -42.16 -23.78
CA SER C 37 13.64 -41.56 -22.45
C SER C 37 13.50 -40.04 -22.44
N THR C 38 12.60 -39.54 -21.60
CA THR C 38 12.45 -38.10 -21.42
C THR C 38 13.04 -37.63 -20.11
N HIS C 39 13.93 -38.44 -19.54
CA HIS C 39 14.72 -38.04 -18.37
CA HIS C 39 14.68 -38.02 -18.36
C HIS C 39 15.48 -36.76 -18.70
N THR C 40 15.86 -36.01 -17.69
CA THR C 40 16.57 -34.78 -17.92
C THR C 40 17.22 -34.31 -16.65
N THR C 41 18.02 -33.25 -16.76
CA THR C 41 18.71 -32.70 -15.61
C THR C 41 18.66 -31.19 -15.62
N ILE C 42 18.66 -30.58 -14.43
CA ILE C 42 18.89 -29.16 -14.26
C ILE C 42 19.91 -29.04 -13.15
N GLY C 43 21.03 -28.38 -13.44
CA GLY C 43 22.15 -28.40 -12.51
C GLY C 43 22.53 -29.83 -12.17
N SER C 44 22.63 -30.13 -10.88
CA SER C 44 23.06 -31.46 -10.47
C SER C 44 21.87 -32.35 -10.15
N PHE C 45 20.68 -31.93 -10.55
CA PHE C 45 19.45 -32.63 -10.19
C PHE C 45 18.88 -33.41 -11.36
N ASP C 46 18.39 -34.61 -11.07
CA ASP C 46 17.77 -35.46 -12.09
C ASP C 46 16.26 -35.40 -12.03
N PHE C 47 15.61 -35.63 -13.17
CA PHE C 47 14.16 -35.73 -13.25
C PHE C 47 13.75 -36.87 -14.17
N ASP C 48 12.76 -37.64 -13.75
CA ASP C 48 12.28 -38.78 -14.50
C ASP C 48 11.64 -38.34 -15.80
N ASN C 49 11.26 -37.07 -15.85
CA ASN C 49 10.55 -36.53 -17.00
C ASN C 49 10.92 -35.09 -17.21
N CYS C 50 10.63 -34.55 -18.39
CA CYS C 50 11.05 -33.19 -18.71
C CYS C 50 9.86 -32.24 -18.92
N LEU C 51 8.72 -32.60 -18.32
CA LEU C 51 7.54 -31.74 -18.30
C LEU C 51 7.11 -31.49 -16.87
N MET C 52 6.63 -30.30 -16.59
CA MET C 52 6.19 -29.96 -15.23
C MET C 52 5.29 -28.74 -15.27
N ASN C 53 4.72 -28.38 -14.12
CA ASN C 53 3.84 -27.22 -14.08
C ASN C 53 4.66 -25.94 -14.21
N ALA C 54 4.03 -24.88 -14.69
CA ALA C 54 4.61 -23.54 -14.62
C ALA C 54 4.19 -22.89 -13.30
N ALA C 55 5.10 -22.12 -12.71
CA ALA C 55 4.85 -21.45 -11.45
C ALA C 55 3.53 -20.70 -11.53
N GLY C 56 2.74 -20.80 -10.46
CA GLY C 56 1.47 -20.11 -10.38
C GLY C 56 0.28 -20.99 -10.74
N VAL C 57 0.53 -22.09 -11.44
CA VAL C 57 -0.57 -22.95 -11.91
C VAL C 57 -0.56 -24.29 -11.19
N TYR C 58 -1.70 -24.66 -10.60
CA TYR C 58 -1.86 -25.94 -9.90
C TYR C 58 -0.82 -26.20 -8.83
N CYS C 59 -0.52 -25.18 -8.01
CA CYS C 59 0.52 -25.33 -7.00
C CYS C 59 0.27 -24.45 -5.79
N MET C 60 -0.96 -24.01 -5.60
CA MET C 60 -1.32 -23.24 -4.42
C MET C 60 -1.07 -24.03 -3.11
N THR C 61 -1.48 -25.29 -3.06
CA THR C 61 -1.51 -26.06 -1.81
C THR C 61 -0.68 -27.33 -1.84
N ARG C 62 -0.39 -27.86 -0.66
CA ARG C 62 0.27 -29.15 -0.54
C ARG C 62 -0.47 -30.25 -1.32
N GLU C 63 -1.79 -30.20 -1.33
CA GLU C 63 -2.59 -31.19 -2.04
C GLU C 63 -2.36 -31.13 -3.55
N GLU C 64 -2.42 -29.92 -4.11
CA GLU C 64 -2.20 -29.74 -5.54
C GLU C 64 -0.79 -30.18 -5.90
N LEU C 65 0.19 -29.76 -5.11
CA LEU C 65 1.58 -30.12 -5.38
C LEU C 65 1.74 -31.63 -5.39
N ALA C 66 1.11 -32.30 -4.43
CA ALA C 66 1.18 -33.76 -4.35
C ALA C 66 0.57 -34.39 -5.60
N ALA C 67 -0.53 -33.84 -6.08
CA ALA C 67 -1.14 -34.32 -7.30
C ALA C 67 -0.17 -34.19 -8.47
N ILE C 68 0.60 -33.10 -8.52
CA ILE C 68 1.62 -32.97 -9.55
C ILE C 68 2.67 -34.07 -9.37
N ASP C 69 3.11 -34.25 -8.14
CA ASP C 69 4.17 -35.19 -7.80
C ASP C 69 3.79 -36.62 -8.14
N HIS C 70 2.50 -36.91 -8.15
CA HIS C 70 2.00 -38.26 -8.41
C HIS C 70 1.54 -38.41 -9.85
N SER C 71 1.64 -37.33 -10.62
CA SER C 71 1.33 -37.37 -12.05
C SER C 71 2.58 -37.76 -12.82
N GLU C 72 2.51 -37.75 -14.15
CA GLU C 72 3.69 -38.11 -14.93
C GLU C 72 4.69 -36.93 -15.04
N ALA C 73 4.31 -35.78 -14.49
CA ALA C 73 5.23 -34.64 -14.43
C ALA C 73 6.54 -35.06 -13.77
N GLY C 74 7.64 -34.49 -14.25
CA GLY C 74 8.96 -34.82 -13.73
C GLY C 74 9.33 -34.01 -12.49
N SER C 75 8.50 -33.04 -12.13
CA SER C 75 8.82 -32.17 -11.00
C SER C 75 7.64 -31.26 -10.75
N PHE C 76 7.74 -30.42 -9.73
CA PHE C 76 6.82 -29.30 -9.66
C PHE C 76 7.55 -28.06 -9.22
N VAL C 77 6.95 -26.91 -9.49
CA VAL C 77 7.41 -25.67 -8.90
C VAL C 77 6.27 -25.11 -8.05
N THR C 78 6.62 -24.60 -6.87
CA THR C 78 5.61 -24.11 -5.95
C THR C 78 5.00 -22.82 -6.46
N THR C 80 4.38 -19.05 -6.44
CA THR C 80 5.40 -18.08 -6.10
C THR C 80 5.11 -17.54 -4.69
N GLY C 81 6.01 -17.77 -3.75
CA GLY C 81 5.74 -17.44 -2.37
C GLY C 81 6.31 -16.10 -1.98
N THR C 82 5.56 -15.34 -1.21
CA THR C 82 6.08 -14.09 -0.67
C THR C 82 6.35 -14.29 0.81
N LEU C 83 7.00 -13.32 1.44
CA LEU C 83 7.36 -13.42 2.85
C LEU C 83 6.17 -13.77 3.71
N GLU C 84 5.03 -13.11 3.47
CA GLU C 84 3.81 -13.37 4.20
C GLU C 84 2.73 -13.73 3.19
N GLU C 85 1.70 -14.44 3.64
CA GLU C 85 0.72 -14.89 2.70
C GLU C 85 -0.07 -13.74 2.11
N ARG C 86 -0.61 -13.96 0.92
CA ARG C 86 -1.29 -12.91 0.19
C ARG C 86 -2.55 -13.46 -0.39
N ALA C 87 -3.57 -12.63 -0.44
CA ALA C 87 -4.85 -13.06 -0.94
C ALA C 87 -4.86 -12.89 -2.44
N GLY C 88 -4.02 -11.99 -2.92
CA GLY C 88 -4.01 -11.70 -4.34
C GLY C 88 -5.09 -10.71 -4.72
N ASN C 89 -5.32 -10.58 -6.02
CA ASN C 89 -6.24 -9.59 -6.56
C ASN C 89 -7.70 -10.05 -6.52
N PRO C 90 -8.63 -9.10 -6.69
CA PRO C 90 -10.07 -9.41 -6.71
C PRO C 90 -10.45 -10.30 -7.89
N GLN C 91 -11.51 -11.09 -7.72
CA GLN C 91 -11.98 -12.03 -8.74
C GLN C 91 -13.01 -11.36 -9.65
N PRO C 92 -13.18 -11.89 -10.88
CA PRO C 92 -12.33 -12.95 -11.43
C PRO C 92 -10.99 -12.40 -11.91
N ARG C 93 -9.92 -13.16 -11.73
CA ARG C 93 -8.57 -12.68 -12.01
C ARG C 93 -7.93 -13.56 -13.07
N TYR C 94 -8.74 -14.46 -13.63
CA TYR C 94 -8.29 -15.39 -14.64
C TYR C 94 -9.44 -15.69 -15.59
N ALA C 95 -9.14 -15.73 -16.88
CA ALA C 95 -10.13 -16.13 -17.87
C ALA C 95 -9.47 -16.91 -18.99
N ASP C 96 -10.18 -17.92 -19.51
CA ASP C 96 -9.69 -18.67 -20.65
C ASP C 96 -10.21 -18.09 -21.98
N THR C 97 -9.59 -18.51 -23.08
CA THR C 97 -9.90 -18.02 -24.40
C THR C 97 -9.76 -19.22 -25.32
N LYS C 98 -10.26 -19.14 -26.55
CA LYS C 98 -10.04 -20.24 -27.49
C LYS C 98 -8.55 -20.46 -27.67
N LEU C 99 -7.76 -19.41 -27.49
CA LEU C 99 -6.34 -19.44 -27.83
C LEU C 99 -5.42 -19.55 -26.62
N GLY C 100 -5.88 -19.11 -25.47
CA GLY C 100 -5.01 -19.13 -24.30
C GLY C 100 -5.67 -18.61 -23.05
N SER C 101 -4.93 -17.85 -22.26
CA SER C 101 -5.46 -17.35 -21.01
C SER C 101 -4.94 -15.95 -20.71
N ILE C 102 -5.65 -15.26 -19.84
CA ILE C 102 -5.22 -13.95 -19.38
C ILE C 102 -5.44 -13.95 -17.88
N ASN C 103 -4.48 -13.43 -17.13
CA ASN C 103 -4.64 -13.45 -15.68
C ASN C 103 -3.98 -12.29 -15.02
N SER C 104 -4.50 -11.91 -13.86
CA SER C 104 -3.82 -10.96 -13.00
C SER C 104 -4.03 -11.38 -11.55
N MET C 105 -3.24 -12.38 -11.13
CA MET C 105 -3.46 -13.04 -9.86
C MET C 105 -3.10 -12.14 -8.68
N GLY C 106 -2.00 -11.41 -8.80
CA GLY C 106 -1.52 -10.58 -7.71
C GLY C 106 -0.75 -11.39 -6.68
N LEU C 107 -0.13 -12.47 -7.14
CA LEU C 107 0.75 -13.27 -6.29
C LEU C 107 0.06 -13.79 -5.04
N PRO C 108 -1.12 -14.40 -5.20
CA PRO C 108 -1.76 -15.04 -4.06
C PRO C 108 -0.94 -16.27 -3.70
N ASN C 109 -0.69 -16.50 -2.42
CA ASN C 109 0.06 -17.66 -1.98
C ASN C 109 -0.01 -17.80 -0.47
N LEU C 110 0.30 -18.99 0.01
CA LEU C 110 0.17 -19.29 1.43
C LEU C 110 1.40 -18.88 2.22
N GLY C 111 2.29 -18.14 1.56
CA GLY C 111 3.47 -17.61 2.20
C GLY C 111 4.65 -18.51 2.02
N ILE C 112 5.84 -17.93 1.98
CA ILE C 112 7.03 -18.70 1.66
C ILE C 112 7.21 -19.87 2.62
N ASN C 113 7.03 -19.64 3.91
CA ASN C 113 7.25 -20.67 4.92
C ASN C 113 6.49 -21.97 4.65
N TYR C 114 5.26 -21.83 4.17
CA TYR C 114 4.41 -22.94 3.79
C TYR C 114 5.06 -23.81 2.70
N TYR C 115 5.52 -23.19 1.62
CA TYR C 115 6.15 -23.93 0.52
C TYR C 115 7.54 -24.41 0.90
N LEU C 116 8.29 -23.58 1.61
CA LEU C 116 9.64 -23.94 2.04
C LEU C 116 9.60 -25.20 2.91
N ASP C 117 8.75 -25.19 3.93
CA ASP C 117 8.63 -26.33 4.82
C ASP C 117 8.23 -27.57 4.04
N TYR C 118 7.29 -27.39 3.10
CA TYR C 118 6.80 -28.53 2.34
C TYR C 118 7.86 -29.17 1.46
N VAL C 119 8.65 -28.38 0.74
CA VAL C 119 9.68 -28.97 -0.12
C VAL C 119 10.87 -29.45 0.70
N THR C 120 11.12 -28.80 1.84
CA THR C 120 12.18 -29.28 2.73
C THR C 120 11.81 -30.68 3.21
N GLU C 121 10.55 -30.83 3.59
CA GLU C 121 10.04 -32.06 4.16
C GLU C 121 9.99 -33.21 3.13
N LEU C 122 9.70 -32.89 1.87
CA LEU C 122 9.73 -33.90 0.82
C LEU C 122 11.13 -34.43 0.51
N GLN C 123 12.16 -33.64 0.80
CA GLN C 123 13.55 -34.05 0.59
C GLN C 123 13.85 -35.35 1.33
N LYS C 124 13.33 -35.44 2.55
CA LYS C 124 13.61 -36.57 3.42
C LYS C 124 13.09 -37.86 2.80
N GLN C 125 11.99 -37.77 2.07
CA GLN C 125 11.34 -38.95 1.51
C GLN C 125 12.20 -39.66 0.47
N PRO C 126 12.01 -40.98 0.34
CA PRO C 126 12.69 -41.76 -0.68
C PRO C 126 11.86 -41.70 -1.95
N ASP C 127 12.49 -41.82 -3.10
CA ASP C 127 11.77 -41.75 -4.36
C ASP C 127 11.12 -40.39 -4.44
N SER C 128 11.64 -39.45 -3.66
CA SER C 128 11.22 -38.07 -3.74
C SER C 128 11.77 -37.42 -5.01
N LYS C 129 10.88 -36.81 -5.79
CA LYS C 129 11.31 -36.05 -6.96
C LYS C 129 11.94 -34.72 -6.54
N ASN C 130 12.83 -34.19 -7.37
CA ASN C 130 13.39 -32.87 -7.11
C ASN C 130 12.40 -31.79 -7.50
N HIS C 131 12.35 -30.72 -6.73
CA HIS C 131 11.35 -29.67 -6.95
C HIS C 131 11.95 -28.29 -7.06
N PHE C 132 11.11 -27.34 -7.44
CA PHE C 132 11.51 -25.94 -7.58
C PHE C 132 10.70 -25.07 -6.63
N LEU C 133 11.40 -24.29 -5.83
CA LEU C 133 10.73 -23.37 -4.91
C LEU C 133 10.72 -22.00 -5.56
N SER C 134 9.55 -21.54 -5.99
CA SER C 134 9.42 -20.22 -6.60
C SER C 134 9.16 -19.13 -5.54
N LEU C 135 9.86 -18.02 -5.64
CA LEU C 135 9.67 -16.99 -4.63
C LEU C 135 9.96 -15.61 -5.18
N VAL C 136 9.42 -14.59 -4.55
CA VAL C 136 9.83 -13.22 -4.80
C VAL C 136 9.29 -12.32 -3.71
N GLY C 137 9.99 -11.23 -3.44
CA GLY C 137 9.50 -10.23 -2.51
C GLY C 137 8.71 -9.16 -3.25
N MET C 138 7.86 -8.43 -2.54
CA MET C 138 7.15 -7.29 -3.11
C MET C 138 8.11 -6.11 -3.27
N SER C 139 9.28 -6.23 -2.68
CA SER C 139 10.32 -5.21 -2.82
C SER C 139 11.64 -5.96 -2.80
N PRO C 140 12.68 -5.37 -3.36
CA PRO C 140 13.99 -6.02 -3.31
C PRO C 140 14.38 -6.45 -1.90
N GLU C 141 14.14 -5.61 -0.91
CA GLU C 141 14.53 -5.93 0.46
C GLU C 141 13.82 -7.18 0.94
N GLU C 142 12.53 -7.28 0.61
CA GLU C 142 11.76 -8.46 0.98
C GLU C 142 12.32 -9.69 0.27
N THR C 143 12.74 -9.52 -0.98
CA THR C 143 13.32 -10.62 -1.73
C THR C 143 14.55 -11.19 -1.02
N HIS C 144 15.40 -10.32 -0.51
CA HIS C 144 16.60 -10.75 0.20
C HIS C 144 16.24 -11.42 1.49
N THR C 145 15.23 -10.90 2.17
CA THR C 145 14.80 -11.49 3.42
C THR C 145 14.38 -12.93 3.18
N ILE C 146 13.61 -13.15 2.11
CA ILE C 146 13.17 -14.49 1.73
C ILE C 146 14.32 -15.39 1.37
N LEU C 147 15.21 -14.92 0.50
CA LEU C 147 16.34 -15.74 0.10
C LEU C 147 17.21 -16.10 1.30
N MET C 149 16.26 -16.51 4.25
CA MET C 149 15.54 -17.56 4.98
C MET C 149 15.80 -18.89 4.31
N VAL C 150 15.67 -18.92 2.98
CA VAL C 150 15.91 -20.16 2.27
C VAL C 150 17.35 -20.60 2.48
N GLU C 151 18.28 -19.65 2.44
CA GLU C 151 19.70 -19.94 2.64
C GLU C 151 19.93 -20.59 3.99
N ALA C 152 19.26 -20.07 5.01
CA ALA C 152 19.44 -20.55 6.38
C ALA C 152 18.68 -21.84 6.63
N SER C 153 17.73 -22.17 5.77
CA SER C 153 16.89 -23.35 5.96
C SER C 153 17.64 -24.64 5.63
N LYS C 154 16.93 -25.76 5.70
CA LYS C 154 17.51 -27.06 5.41
C LYS C 154 17.25 -27.47 3.96
N TYR C 155 16.50 -26.65 3.25
CA TYR C 155 16.24 -26.92 1.84
C TYR C 155 17.52 -26.79 1.02
N GLN C 156 17.74 -27.77 0.14
CA GLN C 156 18.95 -27.76 -0.67
C GLN C 156 18.60 -27.88 -2.15
N GLY C 157 17.30 -27.90 -2.45
CA GLY C 157 16.85 -28.04 -3.83
C GLY C 157 16.88 -26.75 -4.64
N LEU C 158 16.30 -26.82 -5.83
CA LEU C 158 16.29 -25.70 -6.75
C LEU C 158 15.33 -24.60 -6.32
N VAL C 159 15.76 -23.38 -6.52
CA VAL C 159 14.99 -22.20 -6.19
C VAL C 159 14.81 -21.38 -7.48
N GLU C 160 13.60 -20.89 -7.70
CA GLU C 160 13.34 -20.02 -8.84
C GLU C 160 12.89 -18.65 -8.39
N LEU C 161 13.75 -17.65 -8.59
CA LEU C 161 13.46 -16.28 -8.25
C LEU C 161 12.67 -15.69 -9.39
N ASN C 162 11.48 -15.17 -9.09
CA ASN C 162 10.60 -14.62 -10.10
C ASN C 162 10.94 -13.16 -10.31
N LEU C 163 11.56 -12.83 -11.45
CA LEU C 163 12.01 -11.46 -11.67
C LEU C 163 10.98 -10.59 -12.37
N SER C 164 9.77 -11.11 -12.56
CA SER C 164 8.67 -10.22 -12.94
C SER C 164 7.92 -9.68 -11.70
N CYS C 165 8.62 -8.92 -10.87
CA CYS C 165 8.06 -8.40 -9.64
C CYS C 165 8.00 -6.89 -9.65
N PRO C 166 7.22 -6.33 -8.71
CA PRO C 166 7.12 -4.89 -8.50
C PRO C 166 8.47 -4.18 -8.31
N ASN C 167 8.61 -3.07 -9.01
CA ASN C 167 9.74 -2.18 -8.85
C ASN C 167 9.19 -0.93 -8.20
N VAL C 168 10.09 -0.02 -7.84
CA VAL C 168 9.70 1.30 -7.36
C VAL C 168 8.88 2.00 -8.43
N PRO C 169 8.08 3.01 -8.02
CA PRO C 169 7.19 3.71 -8.94
C PRO C 169 7.99 4.32 -10.09
N GLY C 170 7.39 4.36 -11.28
CA GLY C 170 8.07 4.89 -12.45
C GLY C 170 9.14 3.95 -12.96
N PRO C 172 9.60 -0.13 -14.46
CA PRO C 172 8.95 -1.34 -14.98
C PRO C 172 9.24 -2.53 -14.10
N GLN C 173 8.60 -3.67 -14.37
CA GLN C 173 8.96 -4.91 -13.70
C GLN C 173 10.46 -5.12 -13.72
N ILE C 174 10.96 -5.76 -12.68
CA ILE C 174 12.40 -5.79 -12.41
C ILE C 174 13.23 -6.28 -13.58
N ALA C 175 12.80 -7.37 -14.20
CA ALA C 175 13.58 -7.94 -15.29
C ALA C 175 13.58 -7.06 -16.54
N TYR C 176 12.76 -6.03 -16.55
CA TYR C 176 12.80 -5.04 -17.64
C TYR C 176 13.66 -3.83 -17.27
N ASP C 177 14.27 -3.92 -16.10
CA ASP C 177 15.12 -2.88 -15.57
C ASP C 177 16.48 -3.50 -15.30
N PHE C 178 17.33 -3.49 -16.30
CA PHE C 178 18.59 -4.20 -16.25
C PHE C 178 19.48 -3.75 -15.09
N GLU C 179 19.48 -2.45 -14.81
CA GLU C 179 20.28 -1.94 -13.72
C GLU C 179 19.87 -2.57 -12.38
N THR C 180 18.57 -2.59 -12.12
CA THR C 180 18.10 -3.18 -10.88
C THR C 180 18.28 -4.70 -10.88
N THR C 181 18.07 -5.33 -12.03
CA THR C 181 18.26 -6.76 -12.15
C THR C 181 19.70 -7.09 -11.79
N ASP C 182 20.64 -6.38 -12.38
CA ASP C 182 22.04 -6.66 -12.10
C ASP C 182 22.36 -6.45 -10.62
N GLN C 183 21.87 -5.35 -10.07
CA GLN C 183 22.10 -5.06 -8.66
C GLN C 183 21.55 -6.17 -7.76
N ILE C 184 20.32 -6.60 -8.02
CA ILE C 184 19.71 -7.66 -7.22
C ILE C 184 20.53 -8.94 -7.28
N LEU C 185 20.87 -9.38 -8.48
CA LEU C 185 21.57 -10.65 -8.65
C LEU C 185 22.94 -10.57 -7.99
N SER C 186 23.57 -9.41 -8.12
CA SER C 186 24.83 -9.18 -7.47
C SER C 186 24.73 -9.35 -5.93
N GLU C 187 23.77 -8.65 -5.33
CA GLU C 187 23.54 -8.79 -3.89
C GLU C 187 23.24 -10.24 -3.51
N VAL C 188 22.29 -10.83 -4.22
CA VAL C 188 21.87 -12.21 -3.95
C VAL C 188 23.05 -13.16 -3.86
N PHE C 189 23.93 -13.12 -4.84
CA PHE C 189 25.05 -14.06 -4.83
C PHE C 189 26.19 -13.74 -3.88
N THR C 190 26.06 -12.68 -3.09
CA THR C 190 27.06 -12.47 -2.05
C THR C 190 26.77 -13.37 -0.86
N TYR C 191 25.54 -13.88 -0.77
CA TYR C 191 25.17 -14.72 0.36
C TYR C 191 24.49 -16.02 -0.03
N PHE C 192 23.82 -16.04 -1.17
CA PHE C 192 23.03 -17.20 -1.53
C PHE C 192 23.86 -18.30 -2.19
N THR C 193 23.84 -19.48 -1.59
CA THR C 193 24.69 -20.57 -2.06
C THR C 193 23.90 -21.75 -2.63
N LYS C 194 22.58 -21.72 -2.45
CA LYS C 194 21.72 -22.75 -3.02
C LYS C 194 21.55 -22.61 -4.54
N PRO C 195 21.23 -23.71 -5.22
CA PRO C 195 21.04 -23.64 -6.68
C PRO C 195 19.86 -22.71 -7.01
N LEU C 196 20.12 -21.71 -7.85
CA LEU C 196 19.15 -20.66 -8.09
C LEU C 196 19.00 -20.40 -9.57
N GLY C 197 17.74 -20.37 -10.02
CA GLY C 197 17.44 -19.89 -11.36
C GLY C 197 16.50 -18.70 -11.28
N ILE C 198 16.30 -18.02 -12.39
CA ILE C 198 15.41 -16.87 -12.43
C ILE C 198 14.32 -17.05 -13.49
N LYS C 199 13.11 -16.65 -13.14
CA LYS C 199 11.99 -16.68 -14.05
C LYS C 199 11.98 -15.33 -14.76
N LEU C 200 11.85 -15.35 -16.08
CA LEU C 200 12.02 -14.14 -16.86
C LEU C 200 10.81 -13.83 -17.72
N PRO C 201 10.47 -12.54 -17.85
CA PRO C 201 9.47 -12.10 -18.82
C PRO C 201 10.08 -12.21 -20.20
N PRO C 202 9.26 -12.16 -21.24
CA PRO C 202 9.81 -12.20 -22.59
C PRO C 202 10.48 -10.88 -22.95
N TYR C 203 11.51 -10.95 -23.78
CA TYR C 203 12.05 -9.77 -24.43
C TYR C 203 11.72 -9.84 -25.91
N PHE C 204 11.79 -8.71 -26.59
CA PHE C 204 11.37 -8.66 -27.98
C PHE C 204 12.37 -8.00 -28.90
N ASP C 205 13.55 -7.71 -28.37
CA ASP C 205 14.55 -6.98 -29.12
C ASP C 205 15.92 -7.64 -28.95
N ILE C 206 16.61 -7.83 -30.06
CA ILE C 206 17.96 -8.42 -30.07
C ILE C 206 18.87 -7.77 -29.04
N VAL C 207 18.84 -6.45 -28.98
CA VAL C 207 19.71 -5.73 -28.06
C VAL C 207 19.35 -6.02 -26.61
N HIS C 208 18.06 -6.21 -26.33
CA HIS C 208 17.67 -6.58 -24.98
C HIS C 208 18.15 -7.97 -24.62
N PHE C 209 18.06 -8.92 -25.55
CA PHE C 209 18.60 -10.25 -25.31
C PHE C 209 20.08 -10.12 -24.96
N ASP C 210 20.79 -9.29 -25.72
CA ASP C 210 22.23 -9.17 -25.51
C ASP C 210 22.46 -8.60 -24.12
N GLN C 211 21.69 -7.60 -23.76
CA GLN C 211 21.96 -6.91 -22.50
C GLN C 211 21.58 -7.78 -21.33
N ALA C 212 20.50 -8.54 -21.47
CA ALA C 212 20.06 -9.39 -20.39
C ALA C 212 21.08 -10.50 -20.19
N ALA C 213 21.50 -11.10 -21.29
CA ALA C 213 22.46 -12.21 -21.26
C ALA C 213 23.78 -11.74 -20.64
N ALA C 214 24.18 -10.51 -20.95
CA ALA C 214 25.49 -10.03 -20.46
C ALA C 214 25.43 -9.94 -18.95
N ILE C 215 24.24 -9.69 -18.43
CA ILE C 215 24.06 -9.64 -16.99
C ILE C 215 24.06 -11.04 -16.38
N PHE C 216 23.17 -11.88 -16.91
CA PHE C 216 23.02 -13.24 -16.37
C PHE C 216 24.32 -14.01 -16.39
N ASN C 217 25.10 -13.91 -17.47
CA ASN C 217 26.36 -14.62 -17.60
C ASN C 217 27.33 -14.35 -16.47
N TYR C 219 26.79 -14.45 -13.40
CA TYR C 219 26.43 -15.08 -12.15
C TYR C 219 26.27 -16.58 -12.21
N PRO C 220 26.52 -17.26 -11.08
CA PRO C 220 26.43 -18.72 -11.03
C PRO C 220 24.97 -19.18 -10.98
N LEU C 221 24.18 -18.66 -11.92
CA LEU C 221 22.79 -19.05 -12.05
C LEU C 221 22.76 -20.49 -12.52
N THR C 222 21.84 -21.28 -11.97
CA THR C 222 21.68 -22.66 -12.41
C THR C 222 20.88 -22.71 -13.70
N PHE C 223 19.94 -21.78 -13.85
CA PHE C 223 19.08 -21.76 -15.03
C PHE C 223 18.36 -20.44 -15.15
N VAL C 224 17.83 -20.18 -16.34
CA VAL C 224 16.82 -19.15 -16.52
C VAL C 224 15.59 -19.87 -17.03
N ASN C 225 14.42 -19.31 -16.79
CA ASN C 225 13.17 -19.90 -17.20
C ASN C 225 12.44 -18.92 -18.09
N CYS C 226 12.39 -19.19 -19.40
CA CYS C 226 11.71 -18.35 -20.37
C CYS C 226 10.49 -19.09 -20.90
N ILE C 227 9.28 -18.52 -20.84
CA ILE C 227 9.03 -17.17 -20.35
C ILE C 227 7.84 -17.10 -19.38
N ASN C 228 7.83 -16.05 -18.57
CA ASN C 228 6.62 -15.63 -17.87
C ASN C 228 5.59 -15.18 -18.90
N SER C 229 4.41 -14.77 -18.46
CA SER C 229 3.35 -14.33 -19.35
C SER C 229 3.82 -13.19 -20.25
N ILE C 230 3.21 -13.07 -21.43
CA ILE C 230 3.37 -11.84 -22.17
C ILE C 230 2.60 -10.80 -21.40
N GLY C 231 3.29 -9.77 -20.92
CA GLY C 231 2.68 -8.85 -19.99
C GLY C 231 1.62 -7.94 -20.60
N ASN C 232 0.65 -7.60 -19.76
CA ASN C 232 -0.30 -6.54 -20.09
C ASN C 232 -1.05 -6.67 -21.42
N GLY C 233 -1.58 -7.87 -21.67
CA GLY C 233 -2.49 -8.07 -22.76
C GLY C 233 -3.91 -7.74 -22.31
N LEU C 234 -4.82 -7.67 -23.28
CA LEU C 234 -6.20 -7.28 -22.99
C LEU C 234 -7.14 -8.22 -23.72
N VAL C 235 -8.06 -8.83 -22.98
CA VAL C 235 -9.05 -9.70 -23.58
C VAL C 235 -10.47 -9.17 -23.34
N ILE C 236 -11.27 -9.13 -24.39
CA ILE C 236 -12.62 -8.60 -24.33
C ILE C 236 -13.66 -9.64 -24.65
N GLU C 237 -14.69 -9.68 -23.80
CA GLU C 237 -15.82 -10.56 -23.98
C GLU C 237 -16.88 -9.51 -24.26
N ASP C 238 -17.54 -9.59 -25.40
CA ASP C 238 -18.53 -8.57 -25.70
C ASP C 238 -17.75 -7.26 -25.67
N GLU C 239 -18.25 -6.28 -24.92
CA GLU C 239 -17.59 -4.98 -24.80
C GLU C 239 -16.98 -4.75 -23.42
N THR C 240 -16.80 -5.82 -22.65
CA THR C 240 -16.27 -5.70 -21.31
C THR C 240 -15.06 -6.59 -21.14
N VAL C 241 -14.06 -6.09 -20.44
CA VAL C 241 -12.88 -6.89 -20.14
C VAL C 241 -13.34 -8.11 -19.35
N VAL C 242 -12.52 -9.16 -19.32
CA VAL C 242 -12.93 -10.43 -18.72
C VAL C 242 -12.29 -10.73 -17.36
N ILE C 243 -11.41 -9.85 -16.89
CA ILE C 243 -10.89 -9.96 -15.53
C ILE C 243 -11.08 -8.67 -14.74
N PRO C 245 -9.12 -7.33 -11.96
CA PRO C 245 -7.99 -6.47 -11.56
C PRO C 245 -7.45 -5.63 -12.70
N LYS C 246 -6.78 -4.54 -12.37
CA LYS C 246 -5.94 -3.82 -13.33
C LYS C 246 -6.66 -3.42 -14.61
N ASN C 247 -7.96 -3.14 -14.52
CA ASN C 247 -8.73 -2.62 -15.66
C ASN C 247 -8.81 -3.61 -16.79
N GLY C 248 -8.59 -4.87 -16.49
CA GLY C 248 -8.70 -5.92 -17.47
C GLY C 248 -7.38 -6.31 -18.10
N PHE C 249 -6.32 -5.59 -17.78
CA PHE C 249 -5.00 -5.92 -18.31
C PHE C 249 -4.37 -7.07 -17.56
N GLY C 250 -3.78 -8.02 -18.27
CA GLY C 250 -3.18 -9.17 -17.60
C GLY C 250 -2.15 -9.91 -18.42
N GLY C 251 -1.46 -10.84 -17.77
CA GLY C 251 -0.48 -11.67 -18.43
C GLY C 251 -1.16 -12.65 -19.37
N ILE C 252 -0.64 -12.73 -20.58
CA ILE C 252 -1.16 -13.66 -21.59
C ILE C 252 -0.31 -14.92 -21.61
N GLY C 253 -0.98 -16.07 -21.68
CA GLY C 253 -0.31 -17.35 -21.77
C GLY C 253 -1.01 -18.16 -22.84
N GLY C 254 -0.46 -19.34 -23.16
CA GLY C 254 -1.10 -20.23 -24.12
C GLY C 254 -0.67 -20.02 -25.56
N ASP C 255 -1.55 -20.34 -26.51
CA ASP C 255 -1.19 -20.34 -27.92
C ASP C 255 -0.61 -19.01 -28.37
N TYR C 256 -1.11 -17.91 -27.81
CA TYR C 256 -0.67 -16.58 -28.23
C TYR C 256 0.84 -16.46 -28.16
N VAL C 257 1.42 -17.22 -27.25
CA VAL C 257 2.71 -16.92 -26.66
C VAL C 257 3.88 -17.75 -27.21
N LYS C 258 3.59 -18.89 -27.85
CA LYS C 258 4.66 -19.81 -28.26
C LYS C 258 5.77 -19.21 -29.12
N PRO C 259 5.42 -18.49 -30.20
CA PRO C 259 6.51 -17.87 -30.98
C PRO C 259 7.45 -17.05 -30.10
N THR C 260 6.89 -16.25 -29.20
CA THR C 260 7.68 -15.45 -28.28
C THR C 260 8.48 -16.34 -27.32
N ALA C 261 7.84 -17.37 -26.78
CA ALA C 261 8.48 -18.23 -25.82
C ALA C 261 9.67 -18.94 -26.46
N LEU C 262 9.44 -19.59 -27.59
CA LEU C 262 10.52 -20.29 -28.29
C LEU C 262 11.66 -19.32 -28.61
N ALA C 263 11.32 -18.13 -29.07
CA ALA C 263 12.34 -17.15 -29.40
C ALA C 263 13.19 -16.85 -28.18
N ASN C 264 12.56 -16.66 -27.03
CA ASN C 264 13.31 -16.31 -25.83
C ASN C 264 14.20 -17.45 -25.38
N VAL C 265 13.67 -18.67 -25.40
CA VAL C 265 14.48 -19.83 -25.08
C VAL C 265 15.71 -19.91 -26.01
N HIS C 266 15.46 -19.87 -27.31
CA HIS C 266 16.55 -19.98 -28.25
C HIS C 266 17.53 -18.81 -28.13
N ALA C 267 16.99 -17.61 -28.03
CA ALA C 267 17.85 -16.44 -27.97
C ALA C 267 18.80 -16.51 -26.78
N PHE C 268 18.31 -16.98 -25.64
CA PHE C 268 19.19 -17.14 -24.49
C PHE C 268 20.08 -18.37 -24.62
N TYR C 269 19.55 -19.44 -25.20
CA TYR C 269 20.35 -20.63 -25.45
C TYR C 269 21.60 -20.25 -26.23
N LYS C 270 21.46 -19.39 -27.24
CA LYS C 270 22.60 -18.98 -28.06
C LYS C 270 23.51 -17.92 -27.40
N ARG C 271 23.14 -17.46 -26.21
CA ARG C 271 23.88 -16.37 -25.58
C ARG C 271 24.48 -16.73 -24.22
N LEU C 272 23.80 -17.58 -23.50
CA LEU C 272 24.21 -17.91 -22.14
C LEU C 272 25.30 -18.95 -22.13
N ASN C 273 26.25 -18.79 -21.21
CA ASN C 273 27.22 -19.83 -20.92
C ASN C 273 26.49 -21.13 -20.62
N PRO C 274 27.02 -22.27 -21.11
CA PRO C 274 26.30 -23.54 -20.97
C PRO C 274 26.08 -23.96 -19.52
N SER C 275 26.74 -23.30 -18.57
CA SER C 275 26.56 -23.64 -17.17
C SER C 275 25.22 -23.13 -16.68
N ILE C 276 24.58 -22.28 -17.49
CA ILE C 276 23.25 -21.78 -17.16
C ILE C 276 22.26 -22.44 -18.09
N GLN C 277 21.46 -23.34 -17.54
CA GLN C 277 20.52 -24.05 -18.37
C GLN C 277 19.25 -23.26 -18.58
N ILE C 278 18.44 -23.73 -19.51
CA ILE C 278 17.20 -23.06 -19.83
C ILE C 278 16.01 -23.96 -19.60
N ILE C 279 15.05 -23.43 -18.88
CA ILE C 279 13.76 -24.04 -18.74
C ILE C 279 12.85 -23.29 -19.71
N GLY C 280 12.05 -24.03 -20.45
CA GLY C 280 11.18 -23.43 -21.45
C GLY C 280 9.74 -23.43 -21.03
N THR C 281 9.11 -22.28 -21.12
CA THR C 281 7.72 -22.17 -20.69
C THR C 281 7.00 -21.27 -21.64
N GLY C 282 5.78 -21.64 -22.02
CA GLY C 282 4.92 -20.79 -22.84
C GLY C 282 4.40 -21.51 -24.06
N GLY C 283 3.07 -21.59 -24.18
CA GLY C 283 2.42 -22.11 -25.35
C GLY C 283 2.42 -23.63 -25.49
N VAL C 284 2.82 -24.34 -24.42
CA VAL C 284 2.89 -25.80 -24.51
C VAL C 284 1.54 -26.46 -24.21
N THR C 286 0.93 -29.42 -26.50
CA THR C 286 1.17 -30.72 -27.14
C THR C 286 2.63 -31.12 -26.99
N GLY C 287 2.89 -32.39 -27.25
CA GLY C 287 4.26 -32.88 -27.24
C GLY C 287 5.10 -32.13 -28.24
N ARG C 288 4.49 -31.77 -29.36
CA ARG C 288 5.18 -31.03 -30.40
C ARG C 288 5.68 -29.68 -29.84
N ASP C 289 4.79 -28.95 -29.16
CA ASP C 289 5.21 -27.71 -28.49
C ASP C 289 6.38 -27.93 -27.55
N ALA C 290 6.31 -28.99 -26.72
CA ALA C 290 7.41 -29.29 -25.81
C ALA C 290 8.67 -29.60 -26.59
N PHE C 291 8.47 -30.37 -27.66
CA PHE C 291 9.56 -30.76 -28.55
C PHE C 291 10.29 -29.54 -29.07
N GLU C 292 9.52 -28.58 -29.58
CA GLU C 292 10.09 -27.36 -30.12
C GLU C 292 10.87 -26.56 -29.07
N HIS C 293 10.37 -26.53 -27.84
CA HIS C 293 11.08 -25.85 -26.75
C HIS C 293 12.43 -26.52 -26.49
N ILE C 294 12.41 -27.84 -26.44
CA ILE C 294 13.66 -28.58 -26.25
C ILE C 294 14.60 -28.37 -27.43
N LEU C 295 14.03 -28.36 -28.63
CA LEU C 295 14.79 -28.06 -29.84
C LEU C 295 15.49 -26.73 -29.73
N CYS C 296 14.81 -25.75 -29.14
CA CYS C 296 15.40 -24.43 -28.97
C CYS C 296 16.46 -24.38 -27.89
N GLY C 297 16.51 -25.42 -27.06
CA GLY C 297 17.53 -25.47 -26.04
C GLY C 297 17.07 -25.82 -24.63
N ALA C 298 15.77 -25.76 -24.38
CA ALA C 298 15.23 -26.08 -23.05
C ALA C 298 15.62 -27.46 -22.56
N SER C 299 16.07 -27.54 -21.31
CA SER C 299 16.35 -28.82 -20.65
C SER C 299 15.10 -29.35 -19.94
N MET C 300 14.16 -28.44 -19.68
CA MET C 300 12.94 -28.81 -18.98
C MET C 300 11.84 -27.93 -19.52
N VAL C 301 10.62 -28.46 -19.60
CA VAL C 301 9.52 -27.71 -20.19
C VAL C 301 8.38 -27.58 -19.20
N GLN C 302 7.79 -26.39 -19.12
CA GLN C 302 6.74 -26.13 -18.14
C GLN C 302 5.45 -25.79 -18.84
N ILE C 303 4.35 -26.16 -18.19
CA ILE C 303 3.03 -25.96 -18.73
C ILE C 303 2.19 -25.13 -17.76
N GLY C 304 1.64 -24.03 -18.25
CA GLY C 304 0.83 -23.18 -17.43
C GLY C 304 -0.63 -23.32 -17.83
N THR C 305 -1.02 -22.49 -18.80
CA THR C 305 -2.39 -22.40 -19.25
C THR C 305 -3.02 -23.77 -19.50
N ALA C 306 -2.36 -24.60 -20.29
CA ALA C 306 -2.95 -25.89 -20.65
C ALA C 306 -3.15 -26.76 -19.41
N LEU C 307 -2.23 -26.70 -18.47
CA LEU C 307 -2.37 -27.43 -17.21
C LEU C 307 -3.56 -26.92 -16.42
N HIS C 308 -3.72 -25.60 -16.40
CA HIS C 308 -4.85 -24.96 -15.75
C HIS C 308 -6.17 -25.46 -16.33
N GLN C 309 -6.19 -25.71 -17.64
CA GLN C 309 -7.39 -26.09 -18.35
C GLN C 309 -7.68 -27.58 -18.28
N GLU C 310 -6.64 -28.40 -18.28
CA GLU C 310 -6.78 -29.85 -18.45
C GLU C 310 -6.52 -30.67 -17.17
N GLY C 311 -5.85 -30.07 -16.19
CA GLY C 311 -5.45 -30.76 -14.97
C GLY C 311 -4.25 -31.66 -15.20
N PRO C 312 -3.69 -32.19 -14.10
CA PRO C 312 -2.43 -32.96 -14.08
C PRO C 312 -2.41 -34.14 -15.06
N GLN C 313 -3.56 -34.56 -15.57
CA GLN C 313 -3.61 -35.65 -16.54
C GLN C 313 -2.84 -35.27 -17.80
N ILE C 314 -2.65 -33.97 -18.00
CA ILE C 314 -2.01 -33.45 -19.20
C ILE C 314 -0.59 -33.95 -19.36
N PHE C 315 0.10 -34.20 -18.26
CA PHE C 315 1.46 -34.68 -18.33
C PHE C 315 1.56 -36.04 -19.04
N LYS C 316 0.70 -36.97 -18.63
CA LYS C 316 0.60 -38.28 -19.29
C LYS C 316 0.44 -38.10 -20.80
N ARG C 317 -0.55 -37.32 -21.20
CA ARG C 317 -0.81 -37.08 -22.61
C ARG C 317 0.39 -36.45 -23.33
N ILE C 318 0.85 -35.32 -22.85
CA ILE C 318 1.94 -34.63 -23.52
C ILE C 318 3.22 -35.45 -23.54
N THR C 319 3.49 -36.19 -22.47
CA THR C 319 4.69 -37.03 -22.44
C THR C 319 4.66 -38.06 -23.57
N LYS C 320 3.52 -38.71 -23.72
CA LYS C 320 3.31 -39.67 -24.80
C LYS C 320 3.52 -38.99 -26.17
N GLU C 321 2.86 -37.86 -26.40
CA GLU C 321 2.99 -37.14 -27.66
C GLU C 321 4.45 -36.75 -27.94
N LEU C 322 5.17 -36.34 -26.92
CA LEU C 322 6.60 -36.00 -27.11
C LEU C 322 7.40 -37.24 -27.46
N ALA C 324 6.46 -39.86 -28.79
CA ALA C 324 6.11 -40.32 -30.12
C ALA C 324 6.97 -39.62 -31.16
N ILE C 325 7.11 -38.31 -31.02
CA ILE C 325 7.96 -37.56 -31.93
C ILE C 325 9.39 -38.06 -31.86
N MET C 326 9.87 -38.31 -30.64
CA MET C 326 11.22 -38.78 -30.48
C MET C 326 11.42 -40.14 -31.17
N THR C 327 10.46 -41.03 -30.98
CA THR C 327 10.51 -42.35 -31.59
C THR C 327 10.57 -42.23 -33.12
N GLU C 328 9.58 -41.51 -33.68
CA GLU C 328 9.53 -41.27 -35.12
C GLU C 328 10.85 -40.70 -35.65
N LYS C 329 11.54 -39.94 -34.82
CA LYS C 329 12.74 -39.25 -35.24
C LYS C 329 13.97 -40.10 -34.95
N GLY C 330 13.79 -41.14 -34.15
CA GLY C 330 14.88 -41.99 -33.74
C GLY C 330 15.71 -41.43 -32.60
N TYR C 331 15.12 -40.50 -31.84
CA TYR C 331 15.79 -39.89 -30.70
C TYR C 331 15.59 -40.78 -29.47
N GLU C 332 16.63 -40.90 -28.65
CA GLU C 332 16.57 -41.75 -27.48
C GLU C 332 16.55 -40.95 -26.19
N THR C 333 17.25 -39.82 -26.18
CA THR C 333 17.28 -38.95 -25.03
C THR C 333 17.12 -37.51 -25.52
N LEU C 334 16.82 -36.58 -24.61
CA LEU C 334 16.72 -35.17 -24.98
C LEU C 334 18.02 -34.72 -25.63
N GLU C 335 19.14 -35.22 -25.12
CA GLU C 335 20.45 -34.86 -25.64
C GLU C 335 20.57 -35.01 -27.17
N ASP C 336 19.79 -35.91 -27.75
CA ASP C 336 19.86 -36.17 -29.18
C ASP C 336 19.34 -35.00 -30.02
N PHE C 337 18.52 -34.13 -29.44
CA PHE C 337 18.00 -33.00 -30.21
C PHE C 337 17.96 -31.66 -29.49
N ARG C 338 18.23 -31.65 -28.19
CA ARG C 338 18.16 -30.41 -27.44
C ARG C 338 19.10 -29.39 -28.06
N GLY C 339 18.55 -28.23 -28.41
CA GLY C 339 19.35 -27.14 -28.93
C GLY C 339 19.78 -27.32 -30.37
N LYS C 340 19.23 -28.33 -31.04
CA LYS C 340 19.62 -28.64 -32.40
C LYS C 340 18.65 -28.07 -33.42
N LEU C 341 17.92 -27.04 -33.03
CA LEU C 341 17.08 -26.33 -33.99
C LEU C 341 17.94 -25.93 -35.21
N ASN C 342 17.40 -26.11 -36.41
CA ASN C 342 18.11 -25.79 -37.65
C ASN C 342 17.69 -24.46 -38.27
N ALA C 343 18.67 -23.69 -38.75
CA ALA C 343 18.37 -22.55 -39.62
C ALA C 343 17.98 -23.10 -40.98
N MET C 344 17.47 -22.25 -41.87
CA MET C 344 17.21 -22.68 -43.23
C MET C 344 18.51 -22.78 -44.03
N ALA C 345 18.54 -23.71 -44.98
CA ALA C 345 19.66 -23.82 -45.92
C ALA C 345 19.93 -22.49 -46.63
N VAL D 36 -26.58 2.74 -40.87
CA VAL D 36 -25.38 2.21 -40.22
C VAL D 36 -24.11 2.43 -41.07
N SER D 37 -23.16 3.19 -40.53
CA SER D 37 -22.00 3.68 -41.29
C SER D 37 -20.64 3.38 -40.64
N THR D 38 -19.68 2.92 -41.44
CA THR D 38 -18.32 2.69 -40.96
C THR D 38 -17.35 3.78 -41.42
N HIS D 39 -17.91 4.92 -41.83
CA HIS D 39 -17.12 6.11 -42.15
CA HIS D 39 -17.09 6.08 -42.17
C HIS D 39 -16.28 6.48 -40.94
N THR D 40 -15.18 7.20 -41.16
CA THR D 40 -14.34 7.57 -40.05
C THR D 40 -13.42 8.68 -40.48
N THR D 41 -12.67 9.22 -39.52
CA THR D 41 -11.72 10.27 -39.82
C THR D 41 -10.40 10.06 -39.09
N ILE D 42 -9.32 10.54 -39.69
CA ILE D 42 -8.03 10.65 -39.03
C ILE D 42 -7.54 12.06 -39.34
N GLY D 43 -7.26 12.84 -38.31
CA GLY D 43 -6.96 14.23 -38.51
C GLY D 43 -8.10 14.90 -39.27
N SER D 44 -7.77 15.64 -40.30
CA SER D 44 -8.80 16.34 -41.05
C SER D 44 -9.23 15.56 -42.29
N PHE D 45 -8.89 14.27 -42.32
CA PHE D 45 -9.18 13.45 -43.49
C PHE D 45 -10.32 12.48 -43.25
N ASP D 46 -11.18 12.32 -44.27
CA ASP D 46 -12.31 11.40 -44.18
C ASP D 46 -12.02 10.10 -44.90
N PHE D 47 -12.70 9.05 -44.47
CA PHE D 47 -12.61 7.75 -45.11
C PHE D 47 -13.99 7.10 -45.18
N ASP D 48 -14.30 6.47 -46.30
CA ASP D 48 -15.58 5.83 -46.52
C ASP D 48 -15.74 4.61 -45.63
N ASN D 49 -14.60 4.10 -45.18
CA ASN D 49 -14.59 2.90 -44.37
C ASN D 49 -13.46 2.96 -43.33
N CYS D 50 -13.55 2.11 -42.31
CA CYS D 50 -12.58 2.16 -41.23
C CYS D 50 -11.68 0.92 -41.20
N LEU D 51 -11.54 0.25 -42.33
CA LEU D 51 -10.62 -0.89 -42.47
C LEU D 51 -9.66 -0.61 -43.61
N MET D 52 -8.42 -1.04 -43.47
CA MET D 52 -7.43 -0.84 -44.53
C MET D 52 -6.29 -1.80 -44.34
N ASN D 53 -5.34 -1.78 -45.26
CA ASN D 53 -4.18 -2.67 -45.14
C ASN D 53 -3.25 -2.17 -44.03
N ALA D 54 -2.47 -3.09 -43.48
CA ALA D 54 -1.37 -2.70 -42.62
C ALA D 54 -0.11 -2.51 -43.48
N ALA D 55 0.70 -1.50 -43.15
CA ALA D 55 1.95 -1.25 -43.86
C ALA D 55 2.70 -2.54 -44.06
N GLY D 56 3.24 -2.72 -45.26
CA GLY D 56 4.04 -3.88 -45.58
C GLY D 56 3.28 -5.01 -46.27
N VAL D 57 1.96 -4.97 -46.15
CA VAL D 57 1.15 -6.03 -46.71
C VAL D 57 0.34 -5.52 -47.90
N TYR D 58 0.46 -6.20 -49.04
CA TYR D 58 -0.32 -5.86 -50.23
C TYR D 58 -0.18 -4.42 -50.66
N CYS D 59 1.05 -3.92 -50.71
CA CYS D 59 1.27 -2.53 -51.05
C CYS D 59 2.67 -2.29 -51.64
N MET D 60 3.29 -3.36 -52.15
CA MET D 60 4.58 -3.22 -52.81
C MET D 60 4.52 -2.33 -54.07
N THR D 61 3.47 -2.48 -54.87
CA THR D 61 3.41 -1.84 -56.19
C THR D 61 2.18 -0.99 -56.43
N ARG D 62 2.25 -0.13 -57.45
CA ARG D 62 1.10 0.68 -57.84
C ARG D 62 -0.13 -0.19 -58.10
N GLU D 63 0.10 -1.39 -58.64
CA GLU D 63 -1.01 -2.30 -58.97
C GLU D 63 -1.69 -2.83 -57.73
N GLU D 64 -0.90 -3.24 -56.75
CA GLU D 64 -1.47 -3.75 -55.51
C GLU D 64 -2.20 -2.64 -54.79
N LEU D 65 -1.58 -1.46 -54.72
CA LEU D 65 -2.21 -0.31 -54.08
C LEU D 65 -3.56 -0.02 -54.72
N ALA D 66 -3.61 -0.04 -56.05
CA ALA D 66 -4.84 0.24 -56.77
C ALA D 66 -5.90 -0.81 -56.40
N ALA D 67 -5.49 -2.06 -56.29
CA ALA D 67 -6.41 -3.10 -55.88
C ALA D 67 -6.99 -2.81 -54.49
N ILE D 68 -6.17 -2.27 -53.59
CA ILE D 68 -6.70 -1.87 -52.29
C ILE D 68 -7.69 -0.74 -52.47
N ASP D 69 -7.32 0.24 -53.27
CA ASP D 69 -8.13 1.42 -53.51
C ASP D 69 -9.51 1.11 -54.11
N HIS D 70 -9.59 0.00 -54.83
CA HIS D 70 -10.81 -0.39 -55.53
C HIS D 70 -11.56 -1.46 -54.74
N SER D 71 -11.00 -1.85 -53.60
CA SER D 71 -11.67 -2.78 -52.69
C SER D 71 -12.56 -2.00 -51.73
N GLU D 72 -13.17 -2.69 -50.77
CA GLU D 72 -14.01 -1.97 -49.81
C GLU D 72 -13.21 -1.28 -48.70
N ALA D 73 -11.90 -1.49 -48.70
CA ALA D 73 -11.01 -0.77 -47.78
C ALA D 73 -11.23 0.72 -47.89
N GLY D 74 -11.11 1.41 -46.77
CA GLY D 74 -11.32 2.85 -46.73
C GLY D 74 -10.10 3.67 -47.10
N SER D 75 -8.96 2.99 -47.28
CA SER D 75 -7.70 3.68 -47.53
C SER D 75 -6.65 2.64 -47.81
N PHE D 76 -5.43 3.09 -48.12
CA PHE D 76 -4.29 2.19 -48.05
C PHE D 76 -3.09 2.91 -47.49
N VAL D 77 -2.13 2.11 -47.01
CA VAL D 77 -0.85 2.67 -46.63
C VAL D 77 0.18 1.99 -47.50
N THR D 78 1.15 2.76 -47.98
CA THR D 78 2.14 2.24 -48.90
C THR D 78 3.09 1.31 -48.18
N THR D 80 6.46 0.36 -46.64
CA THR D 80 7.36 1.29 -45.96
C THR D 80 8.56 1.64 -46.88
N GLY D 81 8.65 2.90 -47.26
CA GLY D 81 9.62 3.27 -48.25
C GLY D 81 10.90 3.80 -47.63
N THR D 82 12.02 3.40 -48.19
CA THR D 82 13.30 3.97 -47.78
C THR D 82 13.84 4.89 -48.87
N LEU D 83 14.89 5.63 -48.56
CA LEU D 83 15.41 6.64 -49.46
C LEU D 83 15.73 6.03 -50.82
N GLU D 84 16.34 4.86 -50.80
CA GLU D 84 16.63 4.12 -52.02
C GLU D 84 15.98 2.76 -51.97
N GLU D 85 15.68 2.18 -53.12
CA GLU D 85 14.94 0.94 -53.12
C GLU D 85 15.77 -0.18 -52.52
N ARG D 86 15.08 -1.18 -51.98
CA ARG D 86 15.73 -2.22 -51.24
C ARG D 86 15.16 -3.54 -51.68
N ALA D 87 16.01 -4.54 -51.74
CA ALA D 87 15.56 -5.86 -52.14
C ALA D 87 14.99 -6.57 -50.91
N GLY D 88 15.43 -6.16 -49.74
CA GLY D 88 15.03 -6.83 -48.51
C GLY D 88 15.84 -8.08 -48.24
N ASN D 89 15.34 -8.93 -47.35
CA ASN D 89 16.07 -10.11 -46.89
C ASN D 89 15.91 -11.31 -47.81
N PRO D 90 16.80 -12.30 -47.66
CA PRO D 90 16.70 -13.54 -48.44
C PRO D 90 15.41 -14.29 -48.16
N GLN D 91 14.95 -15.06 -49.15
CA GLN D 91 13.71 -15.84 -49.05
C GLN D 91 13.98 -17.26 -48.57
N PRO D 92 12.95 -17.91 -47.99
CA PRO D 92 11.65 -17.30 -47.68
C PRO D 92 11.70 -16.45 -46.43
N ARG D 93 10.99 -15.32 -46.45
CA ARG D 93 11.11 -14.31 -45.42
C ARG D 93 9.75 -14.14 -44.75
N TYR D 94 8.82 -15.03 -45.10
CA TYR D 94 7.47 -14.98 -44.58
C TYR D 94 6.88 -16.38 -44.56
N ALA D 95 6.21 -16.71 -43.47
CA ALA D 95 5.52 -18.00 -43.36
C ALA D 95 4.21 -17.84 -42.60
N ASP D 96 3.21 -18.61 -42.99
CA ASP D 96 1.94 -18.61 -42.30
C ASP D 96 1.88 -19.75 -41.30
N THR D 97 0.91 -19.66 -40.40
CA THR D 97 0.76 -20.61 -39.31
C THR D 97 -0.74 -20.78 -39.13
N LYS D 98 -1.18 -21.80 -38.40
CA LYS D 98 -2.62 -21.93 -38.15
C LYS D 98 -3.09 -20.68 -37.41
N LEU D 99 -2.19 -20.05 -36.67
CA LEU D 99 -2.59 -18.94 -35.79
C LEU D 99 -2.24 -17.56 -36.33
N GLY D 100 -1.23 -17.47 -37.21
CA GLY D 100 -0.83 -16.16 -37.69
C GLY D 100 0.30 -16.21 -38.70
N SER D 101 1.23 -15.27 -38.58
CA SER D 101 2.36 -15.24 -39.49
C SER D 101 3.64 -14.82 -38.80
N ILE D 102 4.76 -15.12 -39.44
CA ILE D 102 6.06 -14.66 -38.97
C ILE D 102 6.77 -14.13 -40.19
N ASN D 103 7.45 -13.01 -40.06
CA ASN D 103 8.16 -12.48 -41.22
C ASN D 103 9.42 -11.74 -40.83
N SER D 104 10.37 -11.72 -41.76
CA SER D 104 11.52 -10.84 -41.64
C SER D 104 11.83 -10.28 -43.02
N MET D 105 11.04 -9.30 -43.45
CA MET D 105 11.12 -8.81 -44.82
C MET D 105 12.41 -8.05 -45.10
N GLY D 106 12.84 -7.23 -44.16
CA GLY D 106 14.02 -6.39 -44.35
C GLY D 106 13.70 -5.13 -45.14
N LEU D 107 12.45 -4.68 -45.05
CA LEU D 107 12.05 -3.40 -45.64
C LEU D 107 12.31 -3.37 -47.16
N PRO D 108 11.84 -4.42 -47.85
CA PRO D 108 11.92 -4.37 -49.31
C PRO D 108 10.91 -3.36 -49.79
N ASN D 109 11.30 -2.52 -50.73
CA ASN D 109 10.39 -1.51 -51.28
C ASN D 109 11.03 -0.87 -52.51
N LEU D 110 10.20 -0.24 -53.33
CA LEU D 110 10.66 0.35 -54.59
C LEU D 110 11.22 1.76 -54.40
N GLY D 111 11.43 2.15 -53.14
CA GLY D 111 12.01 3.46 -52.85
C GLY D 111 10.95 4.49 -52.58
N ILE D 112 11.26 5.44 -51.72
CA ILE D 112 10.27 6.41 -51.29
C ILE D 112 9.66 7.16 -52.49
N ASN D 113 10.51 7.61 -53.41
CA ASN D 113 10.08 8.37 -54.57
C ASN D 113 8.96 7.72 -55.36
N TYR D 114 9.01 6.40 -55.43
CA TYR D 114 7.98 5.62 -56.11
C TYR D 114 6.63 5.78 -55.43
N TYR D 115 6.59 5.62 -54.12
CA TYR D 115 5.34 5.74 -53.39
C TYR D 115 4.91 7.19 -53.27
N LEU D 116 5.87 8.07 -53.04
CA LEU D 116 5.56 9.49 -52.90
C LEU D 116 4.91 10.01 -54.18
N ASP D 117 5.52 9.72 -55.33
CA ASP D 117 4.96 10.16 -56.61
C ASP D 117 3.56 9.62 -56.80
N TYR D 118 3.38 8.35 -56.46
CA TYR D 118 2.10 7.69 -56.67
C TYR D 118 0.97 8.29 -55.83
N VAL D 119 1.22 8.56 -54.55
CA VAL D 119 0.16 9.13 -53.72
C VAL D 119 -0.03 10.62 -54.00
N THR D 120 1.03 11.30 -54.41
CA THR D 120 0.90 12.68 -54.84
C THR D 120 -0.04 12.74 -56.04
N GLU D 121 0.18 11.82 -56.97
CA GLU D 121 -0.54 11.80 -58.22
C GLU D 121 -2.01 11.42 -58.03
N LEU D 122 -2.29 10.56 -57.07
CA LEU D 122 -3.67 10.20 -56.77
C LEU D 122 -4.47 11.33 -56.15
N GLN D 123 -3.79 12.29 -55.52
CA GLN D 123 -4.45 13.45 -54.93
C GLN D 123 -5.27 14.20 -55.97
N LYS D 124 -4.70 14.34 -57.17
CA LYS D 124 -5.31 15.12 -58.23
C LYS D 124 -6.63 14.51 -58.71
N GLN D 125 -6.63 13.20 -58.90
CA GLN D 125 -7.85 12.50 -59.32
C GLN D 125 -9.06 12.91 -58.48
N PRO D 126 -10.24 12.90 -59.09
CA PRO D 126 -11.50 13.09 -58.37
C PRO D 126 -11.92 11.74 -57.80
N ASP D 127 -12.71 11.75 -56.74
CA ASP D 127 -13.17 10.50 -56.10
C ASP D 127 -11.99 9.73 -55.50
N SER D 128 -10.89 10.44 -55.24
CA SER D 128 -9.67 9.86 -54.70
C SER D 128 -9.79 9.68 -53.18
N LYS D 129 -9.50 8.46 -52.71
CA LYS D 129 -9.47 8.20 -51.28
C LYS D 129 -8.21 8.79 -50.67
N ASN D 130 -8.27 9.14 -49.39
CA ASN D 130 -7.08 9.57 -48.69
C ASN D 130 -6.18 8.39 -48.36
N HIS D 131 -4.87 8.58 -48.41
CA HIS D 131 -3.95 7.47 -48.18
C HIS D 131 -2.86 7.81 -47.17
N PHE D 132 -2.10 6.78 -46.82
CA PHE D 132 -1.02 6.90 -45.86
C PHE D 132 0.30 6.53 -46.53
N LEU D 133 1.26 7.43 -46.46
CA LEU D 133 2.59 7.16 -46.97
C LEU D 133 3.51 6.69 -45.84
N SER D 134 3.83 5.41 -45.83
CA SER D 134 4.68 4.86 -44.78
C SER D 134 6.16 4.97 -45.17
N LEU D 135 7.00 5.41 -44.26
CA LEU D 135 8.40 5.62 -44.59
C LEU D 135 9.27 5.47 -43.35
N VAL D 136 10.56 5.19 -43.58
CA VAL D 136 11.56 5.27 -42.54
C VAL D 136 12.95 5.18 -43.15
N GLY D 137 13.92 5.80 -42.50
CA GLY D 137 15.30 5.70 -42.93
C GLY D 137 15.99 4.55 -42.23
N MET D 138 17.08 4.05 -42.82
CA MET D 138 17.89 3.03 -42.20
C MET D 138 18.73 3.64 -41.09
N SER D 139 18.73 4.96 -41.03
CA SER D 139 19.39 5.69 -39.97
C SER D 139 18.56 6.94 -39.73
N PRO D 140 18.71 7.53 -38.55
CA PRO D 140 17.99 8.78 -38.29
C PRO D 140 18.23 9.83 -39.36
N GLU D 141 19.46 9.97 -39.81
CA GLU D 141 19.79 10.99 -40.81
C GLU D 141 19.01 10.73 -42.10
N GLU D 142 18.93 9.46 -42.48
CA GLU D 142 18.19 9.09 -43.67
C GLU D 142 16.69 9.38 -43.46
N THR D 143 16.22 9.20 -42.24
CA THR D 143 14.81 9.46 -41.95
C THR D 143 14.47 10.94 -42.17
N HIS D 144 15.37 11.82 -41.75
CA HIS D 144 15.17 13.24 -41.98
C HIS D 144 15.25 13.61 -43.45
N THR D 145 16.20 13.02 -44.16
CA THR D 145 16.33 13.26 -45.59
C THR D 145 15.02 12.92 -46.30
N ILE D 146 14.45 11.78 -45.95
CA ILE D 146 13.15 11.38 -46.51
C ILE D 146 12.03 12.35 -46.15
N LEU D 147 11.89 12.66 -44.85
CA LEU D 147 10.81 13.55 -44.42
C LEU D 147 10.94 14.92 -45.06
N MET D 149 12.17 15.51 -47.95
CA MET D 149 11.67 15.33 -49.32
C MET D 149 10.16 15.42 -49.35
N VAL D 150 9.50 14.68 -48.46
CA VAL D 150 8.05 14.70 -48.41
C VAL D 150 7.57 16.10 -48.08
N GLU D 151 8.27 16.78 -47.18
CA GLU D 151 7.91 18.16 -46.81
C GLU D 151 7.95 19.07 -48.03
N ALA D 152 8.98 18.89 -48.85
CA ALA D 152 9.20 19.74 -50.01
C ALA D 152 8.32 19.33 -51.21
N SER D 153 7.78 18.12 -51.17
CA SER D 153 6.93 17.62 -52.27
C SER D 153 5.56 18.28 -52.28
N LYS D 154 4.71 17.82 -53.19
CA LYS D 154 3.37 18.35 -53.33
C LYS D 154 2.35 17.49 -52.59
N TYR D 155 2.82 16.40 -51.99
CA TYR D 155 1.96 15.55 -51.19
C TYR D 155 1.50 16.27 -49.92
N GLN D 156 0.22 16.16 -49.61
CA GLN D 156 -0.34 16.86 -48.45
C GLN D 156 -1.11 15.88 -47.58
N GLY D 157 -1.12 14.61 -47.99
CA GLY D 157 -1.80 13.59 -47.21
C GLY D 157 -1.05 13.06 -45.99
N LEU D 158 -1.61 12.01 -45.41
CA LEU D 158 -1.08 11.44 -44.18
C LEU D 158 0.21 10.68 -44.40
N VAL D 159 1.12 10.84 -43.45
CA VAL D 159 2.40 10.16 -43.47
C VAL D 159 2.51 9.32 -42.19
N GLU D 160 3.00 8.11 -42.33
CA GLU D 160 3.24 7.24 -41.19
C GLU D 160 4.72 6.90 -41.08
N LEU D 161 5.36 7.44 -40.05
CA LEU D 161 6.77 7.20 -39.80
C LEU D 161 6.88 5.91 -39.00
N ASN D 162 7.65 4.97 -39.53
CA ASN D 162 7.73 3.66 -38.92
C ASN D 162 8.85 3.67 -37.90
N LEU D 163 8.51 3.61 -36.61
CA LEU D 163 9.53 3.74 -35.56
C LEU D 163 9.88 2.37 -35.00
N SER D 164 9.27 1.32 -35.54
CA SER D 164 9.38 -0.02 -34.97
C SER D 164 10.54 -0.78 -35.54
N CYS D 165 11.39 -0.10 -36.31
CA CYS D 165 12.58 -0.70 -36.88
C CYS D 165 13.84 0.02 -36.37
N PRO D 166 14.93 -0.73 -36.24
CA PRO D 166 16.16 -0.23 -35.60
C PRO D 166 16.94 0.79 -36.43
N ASN D 167 18.12 1.16 -35.93
CA ASN D 167 18.97 2.14 -36.61
C ASN D 167 20.44 2.06 -36.21
N VAL D 168 20.71 2.27 -34.93
CA VAL D 168 22.08 2.26 -34.38
C VAL D 168 22.41 1.05 -33.50
N PRO D 169 23.68 0.66 -33.52
CA PRO D 169 24.20 -0.48 -32.75
C PRO D 169 24.21 -0.30 -31.22
N GLY D 170 24.07 -1.41 -30.52
CA GLY D 170 24.05 -1.47 -29.07
C GLY D 170 22.77 -0.83 -28.59
N PRO D 172 18.33 -0.85 -29.19
CA PRO D 172 17.13 -1.55 -29.65
C PRO D 172 16.44 -0.78 -30.74
N GLN D 173 15.41 -1.33 -31.37
CA GLN D 173 14.61 -0.58 -32.30
C GLN D 173 14.16 0.75 -31.70
N ILE D 174 14.04 1.74 -32.56
CA ILE D 174 13.97 3.12 -32.10
C ILE D 174 12.90 3.38 -31.06
N ALA D 175 11.71 2.85 -31.30
CA ALA D 175 10.59 3.10 -30.40
C ALA D 175 10.77 2.41 -29.04
N TYR D 176 11.79 1.57 -28.91
CA TYR D 176 12.08 0.95 -27.63
C TYR D 176 13.18 1.74 -26.93
N ASP D 177 13.56 2.85 -27.55
CA ASP D 177 14.63 3.71 -27.06
C ASP D 177 14.05 5.12 -26.95
N PHE D 178 13.46 5.39 -25.80
CA PHE D 178 12.70 6.62 -25.59
C PHE D 178 13.52 7.90 -25.80
N GLU D 179 14.78 7.86 -25.40
CA GLU D 179 15.65 9.01 -25.59
C GLU D 179 15.78 9.31 -27.08
N THR D 180 16.08 8.30 -27.89
CA THR D 180 16.21 8.51 -29.33
C THR D 180 14.88 8.87 -29.97
N THR D 181 13.81 8.21 -29.52
CA THR D 181 12.48 8.50 -30.04
C THR D 181 12.13 9.97 -29.82
N ASP D 182 12.38 10.46 -28.61
CA ASP D 182 12.07 11.84 -28.32
C ASP D 182 12.93 12.80 -29.15
N GLN D 183 14.21 12.47 -29.29
CA GLN D 183 15.10 13.29 -30.08
C GLN D 183 14.63 13.35 -31.53
N ILE D 184 14.31 12.19 -32.12
CA ILE D 184 13.86 12.16 -33.51
C ILE D 184 12.60 13.01 -33.69
N LEU D 185 11.59 12.79 -32.85
CA LEU D 185 10.32 13.48 -33.02
C LEU D 185 10.50 14.98 -32.85
N SER D 186 11.35 15.34 -31.90
CA SER D 186 11.69 16.73 -31.72
C SER D 186 12.28 17.36 -32.97
N GLU D 187 13.33 16.75 -33.53
CA GLU D 187 13.95 17.23 -34.78
C GLU D 187 12.92 17.30 -35.89
N VAL D 188 12.18 16.22 -36.07
CA VAL D 188 11.19 16.12 -37.15
C VAL D 188 10.25 17.29 -37.15
N PHE D 189 9.70 17.63 -36.00
CA PHE D 189 8.72 18.69 -35.95
C PHE D 189 9.29 20.10 -35.97
N THR D 190 10.60 20.24 -36.08
CA THR D 190 11.12 21.58 -36.32
C THR D 190 10.95 21.96 -37.78
N TYR D 191 10.74 20.97 -38.65
CA TYR D 191 10.63 21.27 -40.07
C TYR D 191 9.39 20.66 -40.73
N PHE D 192 8.92 19.55 -40.19
CA PHE D 192 7.84 18.81 -40.86
C PHE D 192 6.45 19.33 -40.51
N THR D 193 5.72 19.79 -41.53
CA THR D 193 4.42 20.43 -41.32
C THR D 193 3.26 19.60 -41.83
N LYS D 194 3.54 18.51 -42.52
CA LYS D 194 2.49 17.64 -43.02
C LYS D 194 1.93 16.77 -41.90
N PRO D 195 0.71 16.25 -42.08
CA PRO D 195 0.11 15.38 -41.06
C PRO D 195 0.92 14.12 -40.88
N LEU D 196 1.38 13.87 -39.66
CA LEU D 196 2.30 12.77 -39.41
C LEU D 196 1.84 11.93 -38.23
N GLY D 197 1.84 10.62 -38.43
CA GLY D 197 1.63 9.67 -37.35
C GLY D 197 2.81 8.72 -37.28
N ILE D 198 2.89 7.96 -36.19
CA ILE D 198 3.97 7.02 -36.03
C ILE D 198 3.48 5.57 -35.86
N LYS D 199 4.19 4.65 -36.49
CA LYS D 199 3.89 3.23 -36.34
C LYS D 199 4.73 2.71 -35.18
N LEU D 200 4.10 2.02 -34.24
CA LEU D 200 4.72 1.66 -32.97
C LEU D 200 4.77 0.16 -32.76
N PRO D 201 5.85 -0.33 -32.17
CA PRO D 201 5.92 -1.70 -31.70
C PRO D 201 5.09 -1.80 -30.44
N PRO D 202 4.74 -3.02 -30.02
CA PRO D 202 3.96 -3.17 -28.79
C PRO D 202 4.81 -2.92 -27.55
N TYR D 203 4.20 -2.37 -26.51
CA TYR D 203 4.85 -2.33 -25.22
C TYR D 203 4.15 -3.30 -24.31
N PHE D 204 4.78 -3.66 -23.20
CA PHE D 204 4.23 -4.71 -22.35
C PHE D 204 4.25 -4.33 -20.88
N ASP D 205 4.55 -3.07 -20.61
CA ASP D 205 4.68 -2.64 -19.25
C ASP D 205 3.98 -1.29 -19.08
N ILE D 206 3.21 -1.17 -18.01
CA ILE D 206 2.53 0.07 -17.67
C ILE D 206 3.47 1.28 -17.70
N VAL D 207 4.62 1.15 -17.07
CA VAL D 207 5.57 2.26 -17.04
C VAL D 207 6.02 2.63 -18.43
N HIS D 208 6.18 1.64 -19.32
CA HIS D 208 6.57 1.97 -20.69
C HIS D 208 5.48 2.74 -21.42
N PHE D 209 4.22 2.31 -21.27
CA PHE D 209 3.10 3.07 -21.82
C PHE D 209 3.14 4.51 -21.30
N ASP D 210 3.36 4.68 -20.01
CA ASP D 210 3.42 6.01 -19.44
C ASP D 210 4.53 6.81 -20.08
N GLN D 211 5.71 6.21 -20.18
CA GLN D 211 6.88 6.93 -20.70
C GLN D 211 6.69 7.27 -22.17
N ALA D 212 6.16 6.33 -22.93
CA ALA D 212 5.98 6.56 -24.37
C ALA D 212 5.00 7.70 -24.54
N ALA D 213 3.87 7.59 -23.86
CA ALA D 213 2.81 8.59 -23.95
C ALA D 213 3.29 9.99 -23.53
N ALA D 214 4.17 10.05 -22.53
CA ALA D 214 4.66 11.33 -22.09
C ALA D 214 5.49 11.99 -23.17
N ILE D 215 6.11 11.18 -24.02
CA ILE D 215 6.85 11.70 -25.15
C ILE D 215 5.88 12.14 -26.23
N PHE D 216 5.05 11.22 -26.69
CA PHE D 216 4.19 11.48 -27.83
C PHE D 216 3.35 12.72 -27.59
N ASN D 217 2.81 12.87 -26.39
CA ASN D 217 1.94 13.99 -26.07
C ASN D 217 2.58 15.38 -26.26
N TYR D 219 4.01 16.29 -28.92
CA TYR D 219 4.15 16.61 -30.33
C TYR D 219 2.88 16.58 -31.12
N PRO D 220 2.79 17.43 -32.16
CA PRO D 220 1.58 17.50 -32.99
C PRO D 220 1.47 16.30 -33.93
N LEU D 221 1.60 15.11 -33.34
CA LEU D 221 1.30 13.88 -34.03
C LEU D 221 -0.18 13.82 -34.38
N THR D 222 -0.48 13.39 -35.59
CA THR D 222 -1.86 13.21 -36.00
C THR D 222 -2.40 11.90 -35.44
N PHE D 223 -1.55 10.90 -35.31
CA PHE D 223 -1.98 9.60 -34.82
C PHE D 223 -0.80 8.74 -34.42
N VAL D 224 -1.11 7.67 -33.69
CA VAL D 224 -0.15 6.60 -33.48
C VAL D 224 -0.83 5.36 -33.99
N ASN D 225 -0.05 4.38 -34.39
CA ASN D 225 -0.60 3.16 -34.97
C ASN D 225 -0.06 2.01 -34.16
N CYS D 226 -0.94 1.34 -33.41
CA CYS D 226 -0.58 0.21 -32.56
C CYS D 226 -1.31 -1.01 -33.05
N ILE D 227 -0.61 -2.10 -33.37
CA ILE D 227 0.82 -2.23 -33.22
C ILE D 227 1.50 -2.83 -34.46
N ASN D 228 2.80 -2.61 -34.57
CA ASN D 228 3.65 -3.37 -35.46
C ASN D 228 3.68 -4.81 -34.96
N SER D 229 4.41 -5.68 -35.65
CA SER D 229 4.54 -7.06 -35.22
C SER D 229 5.02 -7.21 -33.76
N ILE D 230 4.67 -8.32 -33.13
CA ILE D 230 5.37 -8.68 -31.92
C ILE D 230 6.77 -9.11 -32.37
N GLY D 231 7.77 -8.37 -31.93
CA GLY D 231 9.11 -8.58 -32.42
C GLY D 231 9.74 -9.90 -32.03
N ASN D 232 10.58 -10.41 -32.93
CA ASN D 232 11.48 -11.51 -32.62
C ASN D 232 10.85 -12.76 -32.03
N GLY D 233 9.75 -13.22 -32.64
CA GLY D 233 9.19 -14.53 -32.34
C GLY D 233 9.89 -15.59 -33.16
N LEU D 234 9.63 -16.84 -32.82
CA LEU D 234 10.28 -17.95 -33.49
C LEU D 234 9.24 -19.00 -33.84
N VAL D 235 9.19 -19.39 -35.10
CA VAL D 235 8.28 -20.44 -35.55
C VAL D 235 9.05 -21.65 -36.11
N ILE D 236 8.68 -22.85 -35.66
CA ILE D 236 9.38 -24.05 -36.08
C ILE D 236 8.45 -24.98 -36.84
N GLU D 237 8.98 -25.53 -37.94
CA GLU D 237 8.30 -26.60 -38.69
C GLU D 237 9.21 -27.82 -38.64
N ASP D 238 8.74 -28.87 -37.98
CA ASP D 238 9.55 -30.07 -37.75
C ASP D 238 10.75 -29.80 -36.82
N GLU D 239 11.93 -29.59 -37.40
CA GLU D 239 13.11 -29.25 -36.59
C GLU D 239 13.85 -28.03 -37.12
N THR D 240 13.19 -27.27 -37.95
CA THR D 240 13.86 -26.21 -38.64
C THR D 240 13.01 -24.97 -38.65
N VAL D 241 13.65 -23.82 -38.49
CA VAL D 241 12.93 -22.54 -38.54
C VAL D 241 12.31 -22.42 -39.92
N VAL D 242 11.26 -21.61 -40.05
CA VAL D 242 10.50 -21.53 -41.28
C VAL D 242 10.79 -20.31 -42.14
N ILE D 243 11.66 -19.41 -41.66
CA ILE D 243 12.14 -18.31 -42.50
C ILE D 243 13.68 -18.26 -42.55
N PRO D 245 15.93 -15.39 -43.13
CA PRO D 245 16.71 -14.32 -42.49
C PRO D 245 16.78 -14.45 -40.98
N LYS D 246 17.80 -13.85 -40.37
CA LYS D 246 17.83 -13.64 -38.92
C LYS D 246 17.68 -14.93 -38.09
N ASN D 247 18.17 -16.05 -38.61
CA ASN D 247 18.17 -17.30 -37.87
C ASN D 247 16.77 -17.80 -37.58
N GLY D 248 15.79 -17.27 -38.30
CA GLY D 248 14.44 -17.73 -38.14
C GLY D 248 13.61 -16.84 -37.25
N PHE D 249 14.24 -15.85 -36.62
CA PHE D 249 13.51 -14.89 -35.78
C PHE D 249 12.77 -13.87 -36.64
N GLY D 250 11.54 -13.54 -36.28
CA GLY D 250 10.78 -12.57 -37.04
C GLY D 250 9.58 -11.98 -36.33
N GLY D 251 9.01 -10.96 -36.94
CA GLY D 251 7.83 -10.31 -36.41
C GLY D 251 6.62 -11.23 -36.50
N ILE D 252 5.90 -11.32 -35.39
CA ILE D 252 4.70 -12.14 -35.30
C ILE D 252 3.47 -11.28 -35.48
N GLY D 253 2.51 -11.77 -36.27
CA GLY D 253 1.28 -11.06 -36.51
C GLY D 253 0.18 -12.09 -36.44
N GLY D 254 -1.08 -11.63 -36.53
CA GLY D 254 -2.22 -12.53 -36.54
C GLY D 254 -2.82 -12.82 -35.19
N ASP D 255 -3.41 -14.01 -35.04
CA ASP D 255 -4.12 -14.34 -33.81
C ASP D 255 -3.24 -14.20 -32.56
N TYR D 256 -1.95 -14.52 -32.68
CA TYR D 256 -1.07 -14.48 -31.52
C TYR D 256 -1.12 -13.12 -30.82
N VAL D 257 -1.48 -12.11 -31.60
CA VAL D 257 -1.10 -10.74 -31.31
C VAL D 257 -2.23 -9.88 -30.74
N LYS D 258 -3.48 -10.31 -30.92
CA LYS D 258 -4.62 -9.44 -30.61
C LYS D 258 -4.65 -8.93 -29.16
N PRO D 259 -4.50 -9.82 -28.17
CA PRO D 259 -4.49 -9.30 -26.80
C PRO D 259 -3.50 -8.16 -26.62
N THR D 260 -2.30 -8.31 -27.19
CA THR D 260 -1.28 -7.29 -27.12
C THR D 260 -1.70 -6.04 -27.89
N ALA D 261 -2.24 -6.23 -29.10
CA ALA D 261 -2.63 -5.10 -29.93
C ALA D 261 -3.71 -4.27 -29.23
N LEU D 262 -4.77 -4.93 -28.78
CA LEU D 262 -5.87 -4.23 -28.13
C LEU D 262 -5.34 -3.49 -26.90
N ALA D 263 -4.48 -4.15 -26.12
CA ALA D 263 -3.93 -3.53 -24.93
C ALA D 263 -3.18 -2.24 -25.30
N ASN D 264 -2.35 -2.30 -26.34
CA ASN D 264 -1.63 -1.10 -26.75
C ASN D 264 -2.56 0.01 -27.20
N VAL D 265 -3.55 -0.34 -28.01
CA VAL D 265 -4.50 0.65 -28.47
C VAL D 265 -5.19 1.31 -27.27
N HIS D 266 -5.73 0.47 -26.38
CA HIS D 266 -6.41 1.00 -25.22
C HIS D 266 -5.49 1.80 -24.31
N ALA D 267 -4.30 1.25 -24.02
CA ALA D 267 -3.38 1.91 -23.12
C ALA D 267 -3.01 3.31 -23.62
N PHE D 268 -2.82 3.46 -24.92
CA PHE D 268 -2.54 4.79 -25.45
C PHE D 268 -3.79 5.65 -25.53
N TYR D 269 -4.91 5.01 -25.84
CA TYR D 269 -6.17 5.73 -25.87
C TYR D 269 -6.39 6.44 -24.55
N LYS D 270 -6.10 5.75 -23.45
CA LYS D 270 -6.33 6.29 -22.12
C LYS D 270 -5.25 7.31 -21.72
N ARG D 271 -4.20 7.45 -22.53
CA ARG D 271 -3.05 8.27 -22.13
C ARG D 271 -2.80 9.46 -23.02
N LEU D 272 -3.05 9.30 -24.32
CA LEU D 272 -2.76 10.36 -25.27
C LEU D 272 -3.82 11.45 -25.27
N ASN D 273 -3.36 12.68 -25.41
CA ASN D 273 -4.25 13.78 -25.70
C ASN D 273 -5.14 13.44 -26.91
N PRO D 274 -6.43 13.81 -26.86
CA PRO D 274 -7.35 13.39 -27.92
C PRO D 274 -7.00 13.94 -29.30
N SER D 275 -6.09 14.90 -29.40
CA SER D 275 -5.69 15.41 -30.70
C SER D 275 -4.79 14.39 -31.43
N ILE D 276 -4.35 13.36 -30.71
CA ILE D 276 -3.59 12.28 -31.31
C ILE D 276 -4.45 11.04 -31.40
N GLN D 277 -4.90 10.71 -32.60
CA GLN D 277 -5.79 9.58 -32.75
C GLN D 277 -5.02 8.28 -32.82
N ILE D 278 -5.74 7.18 -32.71
CA ILE D 278 -5.12 5.88 -32.71
C ILE D 278 -5.64 5.03 -33.86
N ILE D 279 -4.72 4.49 -34.61
CA ILE D 279 -5.02 3.47 -35.59
C ILE D 279 -4.69 2.14 -34.93
N GLY D 280 -5.58 1.18 -35.07
CA GLY D 280 -5.39 -0.11 -34.43
C GLY D 280 -5.03 -1.18 -35.43
N THR D 281 -3.96 -1.91 -35.12
CA THR D 281 -3.49 -2.95 -36.01
C THR D 281 -3.07 -4.15 -35.17
N GLY D 282 -3.41 -5.35 -35.63
CA GLY D 282 -2.96 -6.56 -34.99
C GLY D 282 -4.10 -7.51 -34.68
N GLY D 283 -4.01 -8.73 -35.18
CA GLY D 283 -4.97 -9.76 -34.87
C GLY D 283 -6.33 -9.65 -35.53
N VAL D 284 -6.49 -8.74 -36.48
CA VAL D 284 -7.79 -8.55 -37.12
C VAL D 284 -8.04 -9.53 -38.26
N THR D 286 -11.62 -10.77 -38.25
CA THR D 286 -13.07 -10.72 -38.29
C THR D 286 -13.58 -9.34 -37.94
N GLY D 287 -14.85 -9.07 -38.24
CA GLY D 287 -15.47 -7.81 -37.86
C GLY D 287 -15.42 -7.61 -36.36
N ARG D 288 -15.56 -8.70 -35.63
CA ARG D 288 -15.47 -8.69 -34.18
C ARG D 288 -14.09 -8.15 -33.73
N ASP D 289 -13.02 -8.67 -34.32
CA ASP D 289 -11.69 -8.15 -34.01
C ASP D 289 -11.60 -6.64 -34.29
N ALA D 290 -12.08 -6.20 -35.44
CA ALA D 290 -12.05 -4.77 -35.76
C ALA D 290 -12.90 -4.00 -34.74
N PHE D 291 -14.05 -4.58 -34.40
CA PHE D 291 -14.95 -4.00 -33.43
C PHE D 291 -14.21 -3.77 -32.11
N GLU D 292 -13.50 -4.79 -31.65
CA GLU D 292 -12.79 -4.69 -30.39
C GLU D 292 -11.72 -3.60 -30.40
N HIS D 293 -11.02 -3.46 -31.52
CA HIS D 293 -10.03 -2.40 -31.68
C HIS D 293 -10.69 -1.02 -31.57
N ILE D 294 -11.80 -0.85 -32.28
CA ILE D 294 -12.53 0.42 -32.21
C ILE D 294 -13.04 0.67 -30.79
N LEU D 295 -13.57 -0.37 -30.16
CA LEU D 295 -13.98 -0.31 -28.77
C LEU D 295 -12.84 0.22 -27.88
N CYS D 296 -11.61 -0.24 -28.16
CA CYS D 296 -10.44 0.18 -27.37
C CYS D 296 -10.03 1.62 -27.63
N GLY D 297 -10.46 2.16 -28.77
CA GLY D 297 -10.18 3.56 -29.06
C GLY D 297 -9.79 3.85 -30.50
N ALA D 298 -9.50 2.81 -31.28
CA ALA D 298 -9.05 2.98 -32.65
C ALA D 298 -10.07 3.71 -33.51
N SER D 299 -9.57 4.69 -34.28
CA SER D 299 -10.39 5.41 -35.24
C SER D 299 -10.35 4.72 -36.59
N MET D 300 -9.33 3.88 -36.78
CA MET D 300 -9.14 3.18 -38.04
C MET D 300 -8.48 1.83 -37.71
N VAL D 301 -8.78 0.81 -38.48
CA VAL D 301 -8.26 -0.51 -38.18
C VAL D 301 -7.54 -1.04 -39.40
N GLN D 302 -6.39 -1.67 -39.17
CA GLN D 302 -5.58 -2.16 -40.27
C GLN D 302 -5.44 -3.65 -40.17
N ILE D 303 -5.27 -4.28 -41.34
CA ILE D 303 -5.20 -5.73 -41.43
C ILE D 303 -3.91 -6.11 -42.15
N GLY D 304 -3.10 -6.94 -41.50
CA GLY D 304 -1.86 -7.37 -42.11
C GLY D 304 -1.96 -8.82 -42.52
N THR D 305 -1.65 -9.70 -41.58
CA THR D 305 -1.60 -11.14 -41.82
C THR D 305 -2.82 -11.65 -42.58
N ALA D 306 -4.01 -11.33 -42.10
CA ALA D 306 -5.22 -11.88 -42.70
C ALA D 306 -5.37 -11.38 -44.12
N LEU D 307 -4.95 -10.14 -44.38
CA LEU D 307 -5.01 -9.59 -45.74
C LEU D 307 -4.02 -10.33 -46.64
N HIS D 308 -2.85 -10.62 -46.11
CA HIS D 308 -1.83 -11.37 -46.83
C HIS D 308 -2.37 -12.74 -47.23
N GLN D 309 -3.20 -13.31 -46.37
CA GLN D 309 -3.71 -14.66 -46.56
C GLN D 309 -4.93 -14.70 -47.47
N GLU D 310 -5.78 -13.68 -47.38
CA GLU D 310 -7.09 -13.73 -48.01
C GLU D 310 -7.21 -12.82 -49.24
N GLY D 311 -6.35 -11.81 -49.34
CA GLY D 311 -6.44 -10.86 -50.43
C GLY D 311 -7.49 -9.79 -50.16
N PRO D 312 -7.52 -8.74 -51.00
CA PRO D 312 -8.34 -7.54 -50.81
C PRO D 312 -9.83 -7.82 -50.63
N GLN D 313 -10.28 -9.02 -50.98
CA GLN D 313 -11.67 -9.38 -50.81
C GLN D 313 -12.05 -9.34 -49.32
N ILE D 314 -11.04 -9.44 -48.46
CA ILE D 314 -11.26 -9.52 -47.01
C ILE D 314 -11.97 -8.27 -46.48
N PHE D 315 -11.76 -7.12 -47.10
CA PHE D 315 -12.38 -5.90 -46.64
C PHE D 315 -13.90 -5.98 -46.75
N LYS D 316 -14.40 -6.43 -47.90
CA LYS D 316 -15.83 -6.66 -48.07
C LYS D 316 -16.35 -7.51 -46.91
N ARG D 317 -15.71 -8.65 -46.67
CA ARG D 317 -16.18 -9.58 -45.65
C ARG D 317 -16.15 -8.95 -44.27
N ILE D 318 -14.99 -8.44 -43.87
CA ILE D 318 -14.87 -7.89 -42.53
C ILE D 318 -15.78 -6.68 -42.33
N THR D 319 -15.95 -5.87 -43.35
CA THR D 319 -16.82 -4.70 -43.23
C THR D 319 -18.24 -5.15 -42.89
N LYS D 320 -18.73 -6.14 -43.62
CA LYS D 320 -20.04 -6.71 -43.38
C LYS D 320 -20.13 -7.25 -41.95
N GLU D 321 -19.12 -8.01 -41.52
CA GLU D 321 -19.15 -8.60 -40.18
C GLU D 321 -19.16 -7.53 -39.10
N LEU D 322 -18.43 -6.45 -39.32
CA LEU D 322 -18.43 -5.33 -38.37
C LEU D 322 -19.78 -4.63 -38.34
N ALA D 324 -22.53 -5.79 -39.04
CA ALA D 324 -23.52 -6.66 -38.43
C ALA D 324 -23.54 -6.46 -36.92
N ILE D 325 -22.36 -6.45 -36.32
CA ILE D 325 -22.25 -6.21 -34.90
C ILE D 325 -22.84 -4.85 -34.53
N MET D 326 -22.56 -3.83 -35.34
CA MET D 326 -23.07 -2.49 -35.07
C MET D 326 -24.59 -2.49 -35.12
N THR D 327 -25.14 -3.11 -36.15
CA THR D 327 -26.59 -3.23 -36.29
C THR D 327 -27.20 -3.90 -35.06
N GLU D 328 -26.71 -5.09 -34.74
CA GLU D 328 -27.19 -5.85 -33.60
C GLU D 328 -27.13 -5.03 -32.31
N LYS D 329 -26.16 -4.12 -32.25
CA LYS D 329 -25.93 -3.33 -31.05
C LYS D 329 -26.71 -2.01 -31.11
N GLY D 330 -27.20 -1.67 -32.29
CA GLY D 330 -27.89 -0.41 -32.48
C GLY D 330 -26.94 0.77 -32.66
N TYR D 331 -25.71 0.48 -33.06
CA TYR D 331 -24.75 1.54 -33.33
C TYR D 331 -24.89 2.03 -34.77
N GLU D 332 -24.77 3.34 -34.96
CA GLU D 332 -24.95 3.93 -36.28
C GLU D 332 -23.63 4.44 -36.88
N THR D 333 -22.75 4.93 -36.01
CA THR D 333 -21.43 5.38 -36.42
C THR D 333 -20.40 4.84 -35.44
N LEU D 334 -19.12 4.88 -35.81
CA LEU D 334 -18.05 4.45 -34.91
C LEU D 334 -18.15 5.23 -33.60
N GLU D 335 -18.47 6.51 -33.72
CA GLU D 335 -18.59 7.39 -32.55
C GLU D 335 -19.48 6.79 -31.43
N ASP D 336 -20.43 5.95 -31.79
CA ASP D 336 -21.34 5.37 -30.81
C ASP D 336 -20.66 4.40 -29.84
N PHE D 337 -19.50 3.86 -30.24
CA PHE D 337 -18.83 2.89 -29.37
C PHE D 337 -17.32 3.04 -29.29
N ARG D 338 -16.74 3.90 -30.11
CA ARG D 338 -15.29 4.03 -30.11
C ARG D 338 -14.82 4.45 -28.73
N GLY D 339 -13.89 3.70 -28.18
CA GLY D 339 -13.34 4.02 -26.86
C GLY D 339 -14.23 3.70 -25.69
N LYS D 340 -15.37 3.06 -25.94
CA LYS D 340 -16.36 2.78 -24.88
C LYS D 340 -16.19 1.39 -24.28
N LEU D 341 -15.01 0.81 -24.41
CA LEU D 341 -14.74 -0.45 -23.75
C LEU D 341 -15.05 -0.32 -22.26
N ASN D 342 -15.68 -1.36 -21.69
CA ASN D 342 -16.11 -1.31 -20.30
C ASN D 342 -15.19 -2.12 -19.38
N ALA D 343 -14.91 -1.59 -18.20
CA ALA D 343 -14.30 -2.39 -17.15
C ALA D 343 -15.37 -3.30 -16.57
N MET D 344 -14.97 -4.24 -15.71
CA MET D 344 -15.97 -5.07 -15.02
C MET D 344 -16.61 -4.34 -13.85
#